data_5LV9
#
_entry.id   5LV9
#
_cell.length_a   67.140
_cell.length_b   67.140
_cell.length_c   477.370
_cell.angle_alpha   90.000
_cell.angle_beta   90.000
_cell.angle_gamma   120.000
#
_symmetry.space_group_name_H-M   'P 65'
#
loop_
_entity.id
_entity.type
_entity.pdbx_description
1 polymer 'thermophilic tryptophan halogenase'
2 water water
#
_entity_poly.entity_id   1
_entity_poly.type   'polypeptide(L)'
_entity_poly.pdbx_seq_one_letter_code
;LNNVVIVGGGTAGWMTASYLKAAFGDRIDITLVESGHIGAVGVGEATFSDIRHFFEFLGLKEKDWMPACNATYKLAVRFE
NWREKGHYFYHPFEQMRSVNGFPLTDWWLKQGPTDRFDKDCFVMASVIDAGLSPRHQDGTLIDQPFDEGADEMQGLTMSE
HQGKTQFPYAYQFEAALLAKYLTKYSVERGVKHIVDDVREVSLDDRGWITGVRTGEHGDLTGDLFIDCTGFRGLLLNQAL
EEPFISYQDTLPNDSAVALQVPMDMERRGILPCTTATAQDAGWIWTIPLTGRVGTGYVYAKDYLSPEEAERTLREFVGPA
AADVEANHIRMRIGRSRNSWVKNCVAIGLSSGFVEPLESTGIFFIHHAIEQLVKNFPAADWNSMHRDLYNSAVSHVMDGV
REFLVLHYVAAKRNDTQYWRDTKTRKIPDSLAERIEKWKVQLPDSETVYPYYHGLPPYSYMCILLGMGGIELKPSPALAL
ADGGAAQREFEQIRNKTQRLTEVLPKAYDYFTQ
;
_entity_poly.pdbx_strand_id   A,B
#
# COMPACT_ATOMS: atom_id res chain seq x y z
N LEU A 1 -13.86 28.48 9.51
CA LEU A 1 -12.60 29.09 9.10
C LEU A 1 -12.48 29.13 7.61
N ASN A 2 -12.13 30.29 7.06
CA ASN A 2 -11.76 30.31 5.66
C ASN A 2 -10.89 31.51 5.29
N ASN A 3 -10.27 32.14 6.30
CA ASN A 3 -9.30 33.19 6.01
C ASN A 3 -7.90 32.62 6.12
N VAL A 4 -7.18 32.64 5.01
CA VAL A 4 -5.81 32.11 4.97
C VAL A 4 -4.81 33.22 4.60
N VAL A 5 -3.78 33.37 5.43
CA VAL A 5 -2.66 34.24 5.10
C VAL A 5 -1.43 33.38 4.79
N ILE A 6 -0.88 33.53 3.59
CA ILE A 6 0.35 32.83 3.24
C ILE A 6 1.51 33.81 3.25
N VAL A 7 2.52 33.52 4.07
CA VAL A 7 3.70 34.38 4.16
C VAL A 7 4.85 33.74 3.38
N GLY A 8 5.26 34.36 2.29
CA GLY A 8 6.27 33.76 1.43
C GLY A 8 5.69 33.39 0.08
N GLY A 9 6.43 33.69 -0.98
CA GLY A 9 5.99 33.37 -2.31
C GLY A 9 6.72 32.16 -2.83
N GLY A 10 7.33 32.32 -4.00
CA GLY A 10 8.09 31.26 -4.64
C GLY A 10 7.22 30.06 -4.88
N THR A 11 7.85 28.91 -5.02
CA THR A 11 7.13 27.70 -5.39
C THR A 11 6.21 27.26 -4.24
N ALA A 12 6.68 27.34 -3.00
CA ALA A 12 5.89 26.87 -1.87
C ALA A 12 4.64 27.72 -1.70
N GLY A 13 4.83 29.04 -1.64
CA GLY A 13 3.72 29.95 -1.40
C GLY A 13 2.63 29.84 -2.46
N TRP A 14 3.02 29.84 -3.73
CA TRP A 14 2.04 29.86 -4.82
C TRP A 14 1.49 28.48 -5.18
N MET A 15 2.17 27.40 -4.81
CA MET A 15 1.55 26.08 -4.99
C MET A 15 0.45 25.96 -3.96
N THR A 16 0.69 26.57 -2.80
CA THR A 16 -0.28 26.55 -1.72
C THR A 16 -1.55 27.30 -2.10
N ALA A 17 -1.38 28.50 -2.67
CA ALA A 17 -2.52 29.35 -3.01
C ALA A 17 -3.34 28.73 -4.13
N SER A 18 -2.64 28.26 -5.16
CA SER A 18 -3.28 27.73 -6.34
C SER A 18 -3.99 26.41 -6.04
N TYR A 19 -3.44 25.64 -5.09
CA TYR A 19 -4.03 24.36 -4.75
C TYR A 19 -5.24 24.56 -3.83
N LEU A 20 -5.11 25.47 -2.87
CA LEU A 20 -6.25 25.81 -2.04
C LEU A 20 -7.40 26.32 -2.90
N LYS A 21 -7.07 27.17 -3.87
CA LYS A 21 -8.11 27.76 -4.71
C LYS A 21 -8.78 26.69 -5.57
N ALA A 22 -7.98 25.79 -6.12
CA ALA A 22 -8.52 24.73 -6.96
C ALA A 22 -9.45 23.82 -6.16
N ALA A 23 -9.20 23.72 -4.87
CA ALA A 23 -9.94 22.80 -4.02
C ALA A 23 -11.18 23.44 -3.41
N PHE A 24 -11.11 24.74 -3.12
CA PHE A 24 -12.16 25.41 -2.38
C PHE A 24 -12.83 26.58 -3.11
N GLY A 25 -12.24 27.03 -4.22
CA GLY A 25 -12.77 28.14 -4.99
C GLY A 25 -13.11 29.40 -4.20
N ASP A 26 -14.33 29.91 -4.40
CA ASP A 26 -14.81 31.13 -3.75
C ASP A 26 -15.08 30.97 -2.25
N ARG A 27 -14.92 29.78 -1.71
CA ARG A 27 -15.28 29.60 -0.31
C ARG A 27 -14.07 29.79 0.60
N ILE A 28 -12.87 29.92 0.01
CA ILE A 28 -11.66 30.19 0.77
C ILE A 28 -11.15 31.60 0.46
N ASP A 29 -10.80 32.37 1.49
CA ASP A 29 -10.21 33.70 1.28
C ASP A 29 -8.72 33.68 1.56
N ILE A 30 -7.92 34.00 0.53
CA ILE A 30 -6.47 33.90 0.62
C ILE A 30 -5.74 35.21 0.29
N THR A 31 -4.80 35.60 1.16
CA THR A 31 -3.89 36.70 0.85
C THR A 31 -2.48 36.17 1.06
N LEU A 32 -1.63 36.41 0.07
CA LEU A 32 -0.26 35.96 0.12
C LEU A 32 0.59 37.21 0.13
N VAL A 33 1.51 37.28 1.10
CA VAL A 33 2.46 38.39 1.13
C VAL A 33 3.89 37.87 0.87
N GLU A 34 4.55 38.47 -0.13
CA GLU A 34 5.88 38.00 -0.55
C GLU A 34 6.83 39.17 -0.73
N SER A 35 8.11 38.88 -0.66
CA SER A 35 9.18 39.86 -0.93
C SER A 35 9.81 39.56 -2.28
N GLY A 36 10.56 38.46 -2.34
CA GLY A 36 11.17 38.01 -3.59
C GLY A 36 12.36 37.05 -3.48
N HIS A 37 13.18 37.11 -4.53
CA HIS A 37 14.46 36.38 -4.70
C HIS A 37 15.13 35.84 -3.41
N ILE A 38 15.44 34.54 -3.40
CA ILE A 38 16.35 33.94 -2.41
C ILE A 38 17.47 33.19 -3.15
N GLY A 39 17.19 32.84 -4.41
CA GLY A 39 18.11 32.07 -5.23
C GLY A 39 17.65 30.63 -5.41
N ALA A 40 16.67 30.22 -4.59
CA ALA A 40 16.27 28.81 -4.48
C ALA A 40 17.52 27.98 -4.23
N VAL A 41 17.85 27.11 -5.19
CA VAL A 41 19.24 26.67 -5.29
C VAL A 41 19.72 27.08 -6.69
N GLY A 42 19.48 26.27 -7.72
CA GLY A 42 19.75 26.69 -9.08
C GLY A 42 18.50 27.21 -9.77
N VAL A 43 18.66 27.69 -10.99
CA VAL A 43 17.55 28.11 -11.82
C VAL A 43 16.53 26.97 -12.03
N GLY A 44 17.03 25.78 -12.36
CA GLY A 44 16.17 24.66 -12.69
C GLY A 44 15.77 23.92 -11.44
N GLU A 45 14.67 23.18 -11.54
CA GLU A 45 14.23 22.29 -10.45
C GLU A 45 13.55 21.06 -11.05
N ALA A 46 13.48 19.97 -10.29
CA ALA A 46 12.90 18.74 -10.84
C ALA A 46 11.88 18.16 -9.87
N THR A 47 11.07 17.23 -10.35
CA THR A 47 9.90 16.74 -9.62
C THR A 47 9.77 15.20 -9.69
N PHE A 48 8.84 14.62 -8.91
CA PHE A 48 8.44 13.20 -9.02
C PHE A 48 7.32 13.01 -10.01
N SER A 49 7.04 11.75 -10.33
CA SER A 49 5.92 11.41 -11.21
C SER A 49 4.59 11.83 -10.58
N ASP A 50 4.55 11.89 -9.23
CA ASP A 50 3.44 12.51 -8.49
C ASP A 50 2.94 13.85 -9.03
N ILE A 51 3.85 14.66 -9.56
CA ILE A 51 3.54 16.06 -9.86
C ILE A 51 2.40 16.17 -10.88
N ARG A 52 2.25 15.12 -11.68
CA ARG A 52 1.14 14.97 -12.61
C ARG A 52 -0.21 15.27 -11.95
N HIS A 53 -0.41 14.82 -10.71
CA HIS A 53 -1.72 14.99 -10.07
C HIS A 53 -1.92 16.44 -9.71
N PHE A 54 -0.83 17.12 -9.37
CA PHE A 54 -0.90 18.54 -9.03
C PHE A 54 -1.50 19.35 -10.18
N PHE A 55 -0.84 19.27 -11.32
CA PHE A 55 -1.27 20.04 -12.50
C PHE A 55 -2.67 19.66 -12.96
N GLU A 56 -2.99 18.37 -12.92
CA GLU A 56 -4.32 17.93 -13.30
C GLU A 56 -5.32 18.40 -12.28
N PHE A 57 -4.92 18.47 -11.01
CA PHE A 57 -5.83 18.97 -10.00
C PHE A 57 -6.20 20.43 -10.28
N LEU A 58 -5.21 21.20 -10.73
CA LEU A 58 -5.41 22.60 -11.13
C LEU A 58 -6.13 22.77 -12.48
N GLY A 59 -6.24 21.70 -13.26
CA GLY A 59 -6.89 21.79 -14.56
C GLY A 59 -5.90 22.32 -15.60
N LEU A 60 -4.62 22.08 -15.33
CA LEU A 60 -3.57 22.56 -16.21
C LEU A 60 -3.08 21.42 -17.08
N LYS A 61 -3.14 21.59 -18.38
CA LYS A 61 -2.58 20.62 -19.30
C LYS A 61 -1.16 21.06 -19.67
N GLU A 62 -0.35 20.11 -20.11
CA GLU A 62 1.08 20.34 -20.33
C GLU A 62 1.36 21.54 -21.24
N LYS A 63 0.58 21.68 -22.31
CA LYS A 63 0.81 22.75 -23.27
C LYS A 63 0.56 24.13 -22.68
N ASP A 64 -0.31 24.22 -21.67
CA ASP A 64 -0.61 25.50 -21.04
C ASP A 64 0.52 26.02 -20.16
N TRP A 65 1.25 25.12 -19.51
CA TRP A 65 2.21 25.57 -18.51
C TRP A 65 3.67 25.28 -18.85
N MET A 66 3.92 24.22 -19.62
CA MET A 66 5.31 23.83 -19.87
C MET A 66 6.12 24.85 -20.68
N PRO A 67 5.56 25.41 -21.78
CA PRO A 67 6.32 26.44 -22.48
C PRO A 67 6.62 27.66 -21.61
N ALA A 68 5.71 28.01 -20.71
CA ALA A 68 5.88 29.22 -19.88
C ALA A 68 6.97 29.05 -18.83
N CYS A 69 7.23 27.80 -18.44
CA CYS A 69 8.24 27.52 -17.44
C CYS A 69 9.50 26.85 -18.01
N ASN A 70 9.66 26.86 -19.34
CA ASN A 70 10.77 26.18 -20.00
C ASN A 70 10.89 24.71 -19.57
N ALA A 71 9.74 24.06 -19.36
CA ALA A 71 9.71 22.70 -18.84
C ALA A 71 10.11 21.65 -19.87
N THR A 72 10.87 20.65 -19.42
CA THR A 72 11.21 19.49 -20.25
C THR A 72 10.69 18.24 -19.55
N TYR A 73 10.85 17.09 -20.20
CA TYR A 73 10.46 15.83 -19.60
C TYR A 73 11.58 15.21 -18.75
N LYS A 74 11.20 14.71 -17.57
CA LYS A 74 12.09 13.94 -16.70
C LYS A 74 11.60 12.50 -16.65
N LEU A 75 12.35 11.57 -17.25
CA LEU A 75 11.94 10.17 -17.26
C LEU A 75 12.64 9.32 -16.18
N ALA A 76 13.68 9.87 -15.55
CA ALA A 76 14.44 9.16 -14.53
C ALA A 76 15.44 10.07 -13.84
N VAL A 77 16.08 9.55 -12.80
CA VAL A 77 17.35 10.13 -12.39
C VAL A 77 18.50 9.25 -12.90
N ARG A 78 19.44 9.87 -13.60
CA ARG A 78 20.60 9.16 -14.10
C ARG A 78 21.77 9.35 -13.15
N PHE A 79 22.14 8.27 -12.48
CA PHE A 79 23.22 8.27 -11.50
C PHE A 79 24.51 7.86 -12.17
N GLU A 80 25.51 8.74 -12.15
CA GLU A 80 26.79 8.46 -12.81
C GLU A 80 27.94 8.35 -11.81
N ASN A 81 28.76 7.31 -11.99
CA ASN A 81 30.02 7.15 -11.27
C ASN A 81 29.85 6.99 -9.75
N TRP A 82 28.66 6.59 -9.31
CA TRP A 82 28.43 6.17 -7.93
C TRP A 82 28.99 4.75 -7.65
N ARG A 83 28.94 3.88 -8.63
CA ARG A 83 29.47 2.52 -8.47
C ARG A 83 30.96 2.51 -8.79
N GLU A 84 31.28 2.87 -10.03
CA GLU A 84 32.66 2.95 -10.52
C GLU A 84 32.68 3.96 -11.66
N LYS A 85 33.87 4.39 -12.12
CA LYS A 85 33.94 5.49 -13.07
C LYS A 85 33.25 5.24 -14.42
N GLY A 86 33.34 4.04 -14.96
CA GLY A 86 32.65 3.83 -16.22
C GLY A 86 31.13 3.94 -16.18
N HIS A 87 30.57 3.87 -14.97
CA HIS A 87 29.22 3.37 -14.76
C HIS A 87 28.12 4.40 -14.54
N TYR A 88 26.94 4.12 -15.08
CA TYR A 88 25.74 4.88 -14.76
C TYR A 88 24.53 3.94 -14.81
N PHE A 89 23.41 4.41 -14.28
CA PHE A 89 22.15 3.68 -14.39
C PHE A 89 20.99 4.58 -14.01
N TYR A 90 19.77 4.08 -14.23
CA TYR A 90 18.59 4.90 -14.03
C TYR A 90 17.76 4.46 -12.85
N HIS A 91 17.20 5.47 -12.18
CA HIS A 91 16.04 5.30 -11.30
C HIS A 91 14.85 5.88 -12.05
N PRO A 92 14.12 5.03 -12.78
CA PRO A 92 13.05 5.54 -13.64
C PRO A 92 11.66 5.57 -12.99
N PHE A 93 10.74 6.23 -13.66
CA PHE A 93 9.34 6.24 -13.27
C PHE A 93 8.61 5.22 -14.12
N GLU A 94 8.68 3.96 -13.70
CA GLU A 94 8.09 2.88 -14.46
C GLU A 94 7.80 1.79 -13.45
N GLN A 95 6.61 1.21 -13.52
CA GLN A 95 6.28 0.17 -12.56
C GLN A 95 7.20 -1.03 -12.72
N MET A 96 7.44 -1.67 -11.59
CA MET A 96 8.26 -2.87 -11.52
C MET A 96 7.41 -4.10 -11.86
N ARG A 97 7.67 -4.72 -13.01
CA ARG A 97 6.95 -5.92 -13.39
C ARG A 97 7.30 -7.07 -12.46
N SER A 98 6.35 -7.97 -12.27
CA SER A 98 6.66 -9.17 -11.50
C SER A 98 6.26 -10.40 -12.30
N VAL A 99 6.88 -11.53 -12.01
CA VAL A 99 6.51 -12.75 -12.68
C VAL A 99 6.39 -13.93 -11.69
N ASN A 100 5.27 -14.64 -11.78
CA ASN A 100 4.88 -15.69 -10.84
C ASN A 100 5.20 -15.38 -9.36
N GLY A 101 5.06 -14.12 -8.98
CA GLY A 101 5.14 -13.75 -7.58
C GLY A 101 6.41 -13.02 -7.21
N PHE A 102 7.36 -12.94 -8.12
CA PHE A 102 8.66 -12.31 -7.83
C PHE A 102 8.90 -11.12 -8.76
N PRO A 103 9.45 -10.03 -8.21
CA PRO A 103 9.82 -8.87 -9.03
C PRO A 103 10.88 -9.26 -10.06
N LEU A 104 10.72 -8.74 -11.27
CA LEU A 104 11.61 -9.04 -12.39
C LEU A 104 13.10 -8.88 -12.02
N THR A 105 13.41 -7.93 -11.14
CA THR A 105 14.76 -7.71 -10.63
C THR A 105 15.28 -8.88 -9.80
N ASP A 106 14.38 -9.62 -9.17
CA ASP A 106 14.75 -10.84 -8.48
C ASP A 106 15.18 -11.85 -9.56
N TRP A 107 14.32 -12.05 -10.56
CA TRP A 107 14.67 -12.85 -11.73
C TRP A 107 15.97 -12.35 -12.37
N TRP A 108 16.14 -11.03 -12.39
CA TRP A 108 17.29 -10.47 -13.05
C TRP A 108 18.56 -10.95 -12.36
N LEU A 109 18.52 -10.97 -11.03
CA LEU A 109 19.66 -11.41 -10.23
C LEU A 109 20.00 -12.86 -10.54
N LYS A 110 19.00 -13.64 -10.90
CA LYS A 110 19.23 -15.06 -11.16
C LYS A 110 19.59 -15.33 -12.62
N GLN A 111 18.78 -14.82 -13.54
CA GLN A 111 18.91 -15.14 -14.96
C GLN A 111 18.77 -13.91 -15.88
N GLY A 112 19.26 -12.76 -15.45
CA GLY A 112 19.15 -11.56 -16.25
C GLY A 112 19.98 -11.59 -17.52
N PRO A 113 19.37 -11.22 -18.65
CA PRO A 113 20.01 -11.24 -19.97
C PRO A 113 21.32 -10.44 -20.07
N THR A 114 21.40 -9.26 -19.49
CA THR A 114 22.65 -8.51 -19.53
C THR A 114 23.13 -8.11 -18.14
N ASP A 115 24.27 -7.42 -18.09
CA ASP A 115 24.79 -6.97 -16.82
C ASP A 115 24.15 -5.63 -16.43
N ARG A 116 23.22 -5.14 -17.23
CA ARG A 116 22.51 -3.90 -16.89
C ARG A 116 21.07 -4.13 -16.43
N PHE A 117 20.88 -4.11 -15.11
CA PHE A 117 19.59 -4.43 -14.52
C PHE A 117 18.49 -3.50 -15.03
N ASP A 118 18.84 -2.24 -15.32
CA ASP A 118 17.81 -1.24 -15.57
C ASP A 118 17.42 -1.33 -17.02
N LYS A 119 18.39 -1.59 -17.89
CA LYS A 119 18.07 -1.80 -19.30
C LYS A 119 17.27 -3.08 -19.48
N ASP A 120 17.53 -4.08 -18.64
CA ASP A 120 16.81 -5.35 -18.75
C ASP A 120 15.40 -5.23 -18.23
N CYS A 121 15.22 -4.46 -17.16
CA CYS A 121 13.96 -4.46 -16.43
C CYS A 121 13.03 -3.30 -16.77
N PHE A 122 13.56 -2.28 -17.44
CA PHE A 122 12.81 -1.05 -17.66
C PHE A 122 12.78 -0.62 -19.12
N VAL A 123 11.59 -0.43 -19.66
CA VAL A 123 11.46 0.06 -21.04
C VAL A 123 12.07 1.44 -21.12
N MET A 124 11.86 2.22 -20.06
CA MET A 124 12.31 3.61 -20.02
C MET A 124 13.79 3.82 -20.22
N ALA A 125 14.62 2.90 -19.73
CA ALA A 125 16.08 3.03 -19.81
C ALA A 125 16.61 3.15 -21.22
N SER A 126 15.99 2.46 -22.18
CA SER A 126 16.48 2.56 -23.55
C SER A 126 16.01 3.88 -24.16
N VAL A 127 14.73 4.19 -23.94
CA VAL A 127 14.15 5.46 -24.36
C VAL A 127 15.04 6.62 -23.96
N ILE A 128 15.51 6.59 -22.72
CA ILE A 128 16.36 7.66 -22.24
C ILE A 128 17.74 7.58 -22.89
N ASP A 129 18.30 6.38 -22.97
CA ASP A 129 19.60 6.16 -23.61
C ASP A 129 19.65 6.80 -25.00
N ALA A 130 18.54 6.77 -25.71
CA ALA A 130 18.53 7.30 -27.07
C ALA A 130 18.16 8.79 -27.11
N GLY A 131 18.02 9.41 -25.94
CA GLY A 131 17.62 10.80 -25.87
C GLY A 131 16.24 11.01 -26.45
N LEU A 132 15.35 10.06 -26.19
CA LEU A 132 14.02 10.06 -26.79
C LEU A 132 12.95 10.68 -25.92
N SER A 133 11.93 11.22 -26.57
CA SER A 133 10.74 11.71 -25.89
C SER A 133 9.84 10.55 -25.49
N PRO A 134 9.10 10.71 -24.38
CA PRO A 134 8.14 9.69 -23.94
C PRO A 134 6.81 9.82 -24.69
N ARG A 135 6.71 10.79 -25.58
CA ARG A 135 5.50 10.94 -26.41
C ARG A 135 5.75 10.93 -27.92
N HIS A 136 4.86 10.26 -28.65
CA HIS A 136 4.85 10.34 -30.11
C HIS A 136 4.46 11.74 -30.54
N GLN A 137 4.78 12.09 -31.79
CA GLN A 137 4.63 13.48 -32.23
C GLN A 137 3.17 13.90 -32.36
N ASP A 138 2.28 12.94 -32.62
CA ASP A 138 0.86 13.26 -32.65
C ASP A 138 0.39 13.58 -31.24
N GLY A 139 1.13 13.06 -30.26
CA GLY A 139 0.90 13.38 -28.87
C GLY A 139 0.58 12.18 -28.01
N THR A 140 0.43 11.03 -28.64
CA THR A 140 0.10 9.80 -27.91
C THR A 140 1.26 9.38 -27.02
N LEU A 141 0.97 9.18 -25.75
CA LEU A 141 1.99 8.76 -24.79
C LEU A 141 2.45 7.32 -25.11
N ILE A 142 3.73 7.03 -24.84
CA ILE A 142 4.29 5.70 -25.05
C ILE A 142 3.36 4.61 -24.50
N ASP A 143 3.01 3.65 -25.35
CA ASP A 143 2.25 2.49 -24.93
C ASP A 143 2.87 1.82 -23.70
N GLN A 144 2.22 1.97 -22.56
CA GLN A 144 2.78 1.50 -21.30
C GLN A 144 1.56 1.00 -20.52
N PRO A 145 1.74 0.39 -19.33
CA PRO A 145 0.51 0.05 -18.63
C PRO A 145 -0.47 1.20 -18.37
N PHE A 146 -0.02 2.45 -18.38
CA PHE A 146 -0.91 3.55 -18.06
C PHE A 146 -1.74 4.00 -19.27
N ASP A 147 -3.04 3.74 -19.20
CA ASP A 147 -3.99 4.24 -20.18
C ASP A 147 -4.37 5.67 -19.77
N GLU A 148 -3.85 6.66 -20.50
CA GLU A 148 -4.14 8.05 -20.20
C GLU A 148 -5.58 8.40 -20.56
N GLY A 149 -6.15 7.66 -21.52
CA GLY A 149 -7.53 7.88 -21.91
C GLY A 149 -8.48 7.03 -21.10
N ALA A 150 -8.11 6.77 -19.85
CA ALA A 150 -8.89 5.89 -18.97
C ALA A 150 -9.50 6.62 -17.78
N ASP A 151 -10.61 6.04 -17.28
CA ASP A 151 -11.36 6.58 -16.15
C ASP A 151 -10.52 6.68 -14.88
N GLU A 152 -10.59 7.82 -14.21
CA GLU A 152 -9.91 8.00 -12.93
C GLU A 152 -10.83 8.65 -11.93
N MET A 153 -10.42 8.63 -10.66
CA MET A 153 -11.23 9.24 -9.60
C MET A 153 -11.22 10.77 -9.75
N GLN A 154 -12.40 11.38 -9.64
CA GLN A 154 -12.50 12.82 -9.80
C GLN A 154 -11.72 13.53 -8.70
N GLY A 155 -10.88 14.49 -9.09
CA GLY A 155 -10.01 15.21 -8.15
C GLY A 155 -8.94 14.38 -7.45
N LEU A 156 -8.45 13.39 -8.16
CA LEU A 156 -7.44 12.48 -7.72
C LEU A 156 -6.10 13.16 -7.29
N THR A 157 -5.82 13.00 -5.99
CA THR A 157 -4.69 13.58 -5.25
C THR A 157 -3.61 12.48 -5.05
N MET A 158 -2.34 12.83 -4.95
CA MET A 158 -1.28 11.84 -4.84
C MET A 158 -1.31 10.85 -3.59
N SER A 159 -1.80 11.31 -2.44
CA SER A 159 -1.66 10.56 -1.17
C SER A 159 -2.74 9.49 -0.90
N GLU A 160 -3.60 9.18 -1.88
CA GLU A 160 -4.42 7.96 -1.81
C GLU A 160 -4.15 7.07 -3.01
N HIS A 161 -3.54 7.63 -4.06
CA HIS A 161 -3.10 6.85 -5.24
C HIS A 161 -1.83 6.15 -4.92
N GLN A 162 -0.83 6.94 -4.51
CA GLN A 162 0.42 6.43 -3.97
C GLN A 162 1.07 5.49 -4.97
N GLY A 163 1.12 5.93 -6.23
CA GLY A 163 1.76 5.21 -7.32
C GLY A 163 1.13 3.87 -7.66
N LYS A 164 -0.17 3.74 -7.44
CA LYS A 164 -0.85 2.46 -7.65
C LYS A 164 -0.92 2.11 -9.13
N THR A 165 -1.09 3.13 -9.97
CA THR A 165 -0.85 3.01 -11.40
C THR A 165 0.26 3.98 -11.71
N GLN A 166 1.02 3.72 -12.76
CA GLN A 166 2.22 4.50 -13.02
C GLN A 166 2.16 5.38 -14.26
N PHE A 167 1.95 6.68 -14.04
CA PHE A 167 2.30 7.66 -15.05
C PHE A 167 3.82 7.60 -15.31
N PRO A 168 4.21 7.65 -16.59
CA PRO A 168 5.57 7.34 -17.01
C PRO A 168 6.60 8.47 -16.80
N TYR A 169 6.22 9.64 -16.30
CA TYR A 169 7.22 10.70 -16.13
C TYR A 169 6.93 11.84 -15.17
N ALA A 170 7.97 12.64 -14.93
CA ALA A 170 7.88 13.89 -14.19
C ALA A 170 8.39 15.04 -15.07
N TYR A 171 8.83 16.14 -14.46
CA TYR A 171 9.29 17.29 -15.24
C TYR A 171 10.56 17.93 -14.66
N GLN A 172 11.28 18.64 -15.53
CA GLN A 172 12.27 19.63 -15.11
C GLN A 172 11.79 20.98 -15.59
N PHE A 173 11.92 22.02 -14.76
CA PHE A 173 11.50 23.35 -15.19
C PHE A 173 12.19 24.50 -14.43
N GLU A 174 11.97 25.73 -14.90
CA GLU A 174 12.52 26.91 -14.25
C GLU A 174 11.64 27.32 -13.07
N ALA A 175 12.15 27.17 -11.85
CA ALA A 175 11.29 27.27 -10.66
C ALA A 175 10.67 28.64 -10.49
N ALA A 176 11.40 29.70 -10.80
CA ALA A 176 10.84 31.04 -10.66
C ALA A 176 9.73 31.27 -11.70
N LEU A 177 9.88 30.66 -12.87
CA LEU A 177 8.86 30.78 -13.92
C LEU A 177 7.54 30.07 -13.52
N LEU A 178 7.65 28.95 -12.82
CA LEU A 178 6.46 28.26 -12.31
C LEU A 178 5.78 29.10 -11.24
N ALA A 179 6.58 29.72 -10.38
CA ALA A 179 5.98 30.57 -9.35
C ALA A 179 5.21 31.70 -10.03
N LYS A 180 5.82 32.33 -11.03
CA LYS A 180 5.13 33.42 -11.71
C LYS A 180 3.86 32.93 -12.39
N TYR A 181 3.92 31.75 -13.00
CA TYR A 181 2.75 31.18 -13.67
C TYR A 181 1.60 30.95 -12.68
N LEU A 182 1.91 30.31 -11.56
CA LEU A 182 0.92 30.05 -10.51
C LEU A 182 0.43 31.33 -9.86
N THR A 183 1.29 32.34 -9.81
CA THR A 183 0.88 33.64 -9.28
C THR A 183 -0.32 34.11 -10.07
N LYS A 184 -0.21 34.03 -11.39
CA LYS A 184 -1.28 34.45 -12.30
C LYS A 184 -2.51 33.55 -12.07
N TYR A 185 -2.30 32.24 -12.14
CA TYR A 185 -3.37 31.26 -11.84
C TYR A 185 -4.13 31.64 -10.59
N SER A 186 -3.39 31.92 -9.53
CA SER A 186 -4.00 32.18 -8.24
C SER A 186 -4.73 33.52 -8.19
N VAL A 187 -4.16 34.54 -8.80
CA VAL A 187 -4.72 35.88 -8.67
C VAL A 187 -6.00 35.97 -9.49
N GLU A 188 -6.03 35.24 -10.60
CA GLU A 188 -7.22 35.17 -11.44
C GLU A 188 -8.39 34.57 -10.67
N ARG A 189 -8.09 33.70 -9.72
CA ARG A 189 -9.13 33.04 -8.95
C ARG A 189 -9.31 33.73 -7.60
N GLY A 190 -8.85 34.97 -7.50
CA GLY A 190 -9.21 35.79 -6.36
C GLY A 190 -8.28 35.83 -5.16
N VAL A 191 -7.10 35.23 -5.31
CA VAL A 191 -6.06 35.38 -4.28
C VAL A 191 -5.53 36.81 -4.27
N LYS A 192 -5.45 37.44 -3.10
CA LYS A 192 -4.90 38.80 -3.01
C LYS A 192 -3.37 38.77 -2.83
N HIS A 193 -2.69 39.48 -3.73
CA HIS A 193 -1.23 39.42 -3.89
C HIS A 193 -0.55 40.66 -3.33
N ILE A 194 0.14 40.53 -2.21
CA ILE A 194 0.81 41.68 -1.60
C ILE A 194 2.33 41.52 -1.61
N VAL A 195 3.05 42.39 -2.32
CA VAL A 195 4.51 42.45 -2.22
C VAL A 195 4.94 43.39 -1.10
N ASP A 196 5.51 42.85 -0.03
CA ASP A 196 5.89 43.64 1.16
C ASP A 196 6.68 42.71 2.08
N ASP A 197 7.26 43.23 3.16
CA ASP A 197 7.84 42.31 4.14
C ASP A 197 7.06 42.29 5.44
N VAL A 198 7.28 41.23 6.20
CA VAL A 198 6.73 41.09 7.53
C VAL A 198 7.71 41.68 8.54
N ARG A 199 7.25 42.66 9.29
CA ARG A 199 8.05 43.23 10.36
C ARG A 199 7.84 42.50 11.65
N GLU A 200 6.66 41.92 11.81
CA GLU A 200 6.27 41.39 13.11
C GLU A 200 5.17 40.34 13.00
N VAL A 201 5.35 39.25 13.74
CA VAL A 201 4.29 38.27 13.88
C VAL A 201 3.59 38.53 15.20
N SER A 202 2.33 38.91 15.12
CA SER A 202 1.56 39.26 16.32
C SER A 202 0.98 37.99 16.96
N LEU A 203 1.26 37.80 18.25
CA LEU A 203 0.71 36.66 18.99
C LEU A 203 -0.37 37.09 19.97
N ASP A 204 -1.28 36.17 20.30
CA ASP A 204 -2.24 36.48 21.36
C ASP A 204 -1.73 35.91 22.68
N ASP A 205 -2.56 35.99 23.71
CA ASP A 205 -2.19 35.54 25.06
C ASP A 205 -1.93 34.03 25.17
N ARG A 206 -2.38 33.25 24.18
CA ARG A 206 -2.10 31.81 24.14
C ARG A 206 -0.97 31.48 23.17
N GLY A 207 -0.37 32.51 22.60
CA GLY A 207 0.73 32.31 21.68
C GLY A 207 0.30 31.93 20.28
N TRP A 208 -0.98 32.15 19.99
CA TRP A 208 -1.48 31.96 18.62
C TRP A 208 -1.32 33.22 17.79
N ILE A 209 -1.12 33.03 16.48
CA ILE A 209 -0.90 34.13 15.56
C ILE A 209 -2.22 34.87 15.30
N THR A 210 -2.24 36.19 15.53
CA THR A 210 -3.44 37.00 15.26
C THR A 210 -3.35 37.72 13.91
N GLY A 211 -2.12 37.94 13.47
CA GLY A 211 -1.88 38.64 12.23
C GLY A 211 -0.40 38.90 12.04
N VAL A 212 -0.01 39.30 10.83
CA VAL A 212 1.36 39.70 10.57
C VAL A 212 1.40 41.16 10.13
N ARG A 213 2.44 41.86 10.55
CA ARG A 213 2.55 43.29 10.29
C ARG A 213 3.45 43.54 9.10
N THR A 214 2.95 44.27 8.11
CA THR A 214 3.77 44.56 6.94
C THR A 214 4.33 45.97 7.00
N GLY A 215 5.22 46.27 6.07
CA GLY A 215 5.83 47.59 6.02
C GLY A 215 4.82 48.64 5.60
N GLU A 216 4.07 48.37 4.54
CA GLU A 216 3.19 49.39 3.95
C GLU A 216 1.73 49.01 3.80
N HIS A 217 1.37 47.77 4.12
CA HIS A 217 0.00 47.29 3.88
C HIS A 217 -0.79 47.00 5.15
N GLY A 218 -0.27 47.47 6.28
CA GLY A 218 -0.96 47.30 7.54
C GLY A 218 -0.84 45.90 8.11
N ASP A 219 -1.83 45.52 8.93
CA ASP A 219 -1.88 44.19 9.51
C ASP A 219 -2.71 43.20 8.68
N LEU A 220 -2.13 42.06 8.36
CA LEU A 220 -2.85 41.01 7.63
C LEU A 220 -3.31 39.95 8.63
N THR A 221 -4.63 39.85 8.80
CA THR A 221 -5.23 38.97 9.79
C THR A 221 -5.92 37.81 9.11
N GLY A 222 -6.22 36.77 9.88
CA GLY A 222 -6.83 35.58 9.33
C GLY A 222 -6.84 34.44 10.32
N ASP A 223 -7.48 33.35 9.92
CA ASP A 223 -7.65 32.19 10.79
C ASP A 223 -6.40 31.33 10.78
N LEU A 224 -5.89 31.07 9.58
CA LEU A 224 -4.80 30.13 9.38
C LEU A 224 -3.63 30.80 8.66
N PHE A 225 -2.42 30.60 9.18
CA PHE A 225 -1.23 31.20 8.59
C PHE A 225 -0.28 30.13 8.04
N ILE A 226 0.13 30.31 6.79
CA ILE A 226 1.03 29.36 6.14
C ILE A 226 2.43 29.96 6.06
N ASP A 227 3.38 29.30 6.72
CA ASP A 227 4.77 29.79 6.73
C ASP A 227 5.50 29.25 5.53
N CYS A 228 5.66 30.09 4.51
CA CYS A 228 6.50 29.73 3.36
C CYS A 228 7.73 30.62 3.28
N THR A 229 8.30 30.95 4.42
CA THR A 229 9.50 31.78 4.45
C THR A 229 10.81 30.99 4.31
N GLY A 230 10.70 29.71 3.98
CA GLY A 230 11.89 28.92 3.72
C GLY A 230 12.74 28.71 4.95
N PHE A 231 14.06 28.65 4.76
CA PHE A 231 15.00 28.38 5.86
C PHE A 231 14.82 29.37 7.00
N ARG A 232 14.29 30.55 6.70
CA ARG A 232 14.01 31.55 7.72
C ARG A 232 13.09 31.03 8.82
N GLY A 233 12.02 30.32 8.44
CA GLY A 233 11.03 29.82 9.38
C GLY A 233 10.51 30.93 10.28
N LEU A 234 10.28 32.10 9.67
CA LEU A 234 9.88 33.30 10.38
C LEU A 234 8.68 33.14 11.30
N LEU A 235 7.68 32.36 10.88
CA LEU A 235 6.48 32.18 11.71
C LEU A 235 6.59 30.96 12.60
N LEU A 236 6.96 29.82 12.02
CA LEU A 236 6.93 28.56 12.75
C LEU A 236 8.10 28.43 13.72
N ASN A 237 9.31 28.64 13.21
CA ASN A 237 10.50 28.48 14.04
C ASN A 237 10.80 29.70 14.92
N GLN A 238 10.55 30.91 14.42
CA GLN A 238 10.87 32.09 15.23
C GLN A 238 9.72 32.52 16.12
N ALA A 239 8.59 32.93 15.54
CA ALA A 239 7.49 33.39 16.37
C ALA A 239 7.01 32.29 17.32
N LEU A 240 6.94 31.06 16.84
CA LEU A 240 6.28 30.01 17.61
C LEU A 240 7.28 29.05 18.25
N GLU A 241 8.55 29.24 17.92
CA GLU A 241 9.65 28.58 18.59
C GLU A 241 9.67 27.07 18.38
N GLU A 242 9.08 26.59 17.29
CA GLU A 242 9.15 25.16 16.99
C GLU A 242 10.58 24.74 16.71
N PRO A 243 11.04 23.69 17.42
CA PRO A 243 12.39 23.15 17.27
C PRO A 243 12.65 22.50 15.92
N PHE A 244 13.91 22.51 15.49
CA PHE A 244 14.34 21.86 14.27
C PHE A 244 14.98 20.53 14.60
N ILE A 245 14.74 19.52 13.76
CA ILE A 245 15.42 18.22 13.90
C ILE A 245 16.38 18.00 12.74
N SER A 246 17.67 17.93 13.05
CA SER A 246 18.70 17.82 12.01
C SER A 246 18.83 16.40 11.44
N TYR A 247 19.09 16.31 10.14
CA TYR A 247 19.42 15.04 9.49
C TYR A 247 20.91 14.97 9.21
N GLN A 248 21.63 16.00 9.65
CA GLN A 248 23.02 16.21 9.25
C GLN A 248 23.96 15.06 9.62
N ASP A 249 23.70 14.43 10.77
CA ASP A 249 24.58 13.35 11.24
C ASP A 249 24.62 12.15 10.30
N THR A 250 23.58 12.01 9.47
CA THR A 250 23.47 10.91 8.53
C THR A 250 23.61 11.35 7.07
N LEU A 251 23.34 12.62 6.80
CA LEU A 251 23.50 13.15 5.45
C LEU A 251 24.26 14.47 5.56
N PRO A 252 25.59 14.41 5.48
CA PRO A 252 26.41 15.57 5.85
C PRO A 252 26.52 16.67 4.79
N ASN A 253 26.10 16.42 3.55
CA ASN A 253 26.11 17.49 2.54
C ASN A 253 25.37 18.75 3.01
N ASP A 254 26.12 19.83 3.17
CA ASP A 254 25.58 21.02 3.81
C ASP A 254 25.75 22.27 2.97
N SER A 255 26.25 22.12 1.74
CA SER A 255 26.61 23.27 0.92
C SER A 255 26.35 23.02 -0.56
N ALA A 256 26.15 24.09 -1.32
CA ALA A 256 25.95 23.93 -2.74
C ALA A 256 26.45 25.13 -3.54
N VAL A 257 27.06 24.86 -4.68
CA VAL A 257 27.39 25.91 -5.63
C VAL A 257 26.72 25.61 -6.98
N ALA A 258 26.15 26.65 -7.59
CA ALA A 258 25.30 26.45 -8.77
C ALA A 258 25.59 27.44 -9.88
N LEU A 259 25.23 27.06 -11.11
CA LEU A 259 25.32 27.94 -12.26
C LEU A 259 24.58 27.40 -13.45
N GLN A 260 24.48 28.23 -14.49
CA GLN A 260 23.82 27.81 -15.72
C GLN A 260 24.57 28.23 -17.02
N VAL A 261 24.43 27.38 -18.03
CA VAL A 261 24.98 27.57 -19.38
C VAL A 261 23.92 27.15 -20.40
N PRO A 262 24.01 27.67 -21.63
CA PRO A 262 23.06 27.25 -22.66
C PRO A 262 23.20 25.75 -22.97
N MET A 263 24.42 25.23 -22.96
CA MET A 263 24.58 23.79 -23.15
C MET A 263 25.80 23.15 -22.45
N ASP A 264 25.57 21.93 -21.96
CA ASP A 264 26.49 21.07 -21.22
C ASP A 264 27.56 20.50 -22.16
N MET A 265 28.80 20.35 -21.68
CA MET A 265 29.90 19.87 -22.54
C MET A 265 29.76 18.39 -22.94
N GLU A 266 29.24 17.57 -22.02
CA GLU A 266 29.03 16.15 -22.30
C GLU A 266 27.61 15.94 -22.81
N ARG A 267 26.91 17.06 -22.99
CA ARG A 267 25.52 17.09 -23.42
C ARG A 267 24.61 16.25 -22.52
N ARG A 268 24.79 16.31 -21.21
CA ARG A 268 23.78 15.73 -20.30
C ARG A 268 22.47 16.47 -20.52
N GLY A 269 22.57 17.70 -21.03
CA GLY A 269 21.44 18.54 -21.36
C GLY A 269 20.57 18.14 -22.56
N ILE A 270 20.98 17.14 -23.34
CA ILE A 270 20.12 16.59 -24.37
C ILE A 270 19.18 15.52 -23.79
N LEU A 271 19.59 14.90 -22.69
CA LEU A 271 18.88 13.75 -22.13
C LEU A 271 17.57 14.12 -21.45
N PRO A 272 16.52 13.30 -21.66
CA PRO A 272 15.22 13.51 -21.01
C PRO A 272 15.25 12.96 -19.59
N CYS A 273 16.19 13.45 -18.79
CA CYS A 273 16.35 13.02 -17.42
C CYS A 273 17.19 14.02 -16.66
N THR A 274 17.25 13.82 -15.35
CA THR A 274 18.06 14.62 -14.46
C THR A 274 19.25 13.75 -14.08
N THR A 275 20.46 14.30 -14.17
CA THR A 275 21.66 13.52 -13.91
C THR A 275 22.31 13.89 -12.57
N ALA A 276 22.67 12.88 -11.79
CA ALA A 276 23.44 13.12 -10.58
C ALA A 276 24.82 12.44 -10.68
N THR A 277 25.85 13.23 -10.94
CA THR A 277 27.19 12.68 -11.13
C THR A 277 28.02 12.80 -9.87
N ALA A 278 28.36 11.66 -9.29
CA ALA A 278 29.11 11.65 -8.04
C ALA A 278 30.49 12.27 -8.20
N GLN A 279 30.91 13.01 -7.18
CA GLN A 279 32.21 13.67 -7.18
C GLN A 279 33.05 13.20 -5.98
N ASP A 280 34.19 13.85 -5.76
CA ASP A 280 35.07 13.50 -4.65
C ASP A 280 34.46 13.82 -3.27
N ALA A 281 33.61 14.84 -3.20
CA ALA A 281 33.03 15.27 -1.93
C ALA A 281 31.51 15.46 -2.02
N GLY A 282 30.86 14.77 -2.94
CA GLY A 282 29.42 14.89 -3.11
C GLY A 282 29.01 14.53 -4.53
N TRP A 283 28.27 15.40 -5.18
CA TRP A 283 27.74 15.06 -6.48
C TRP A 283 27.23 16.30 -7.18
N ILE A 284 27.29 16.27 -8.51
CA ILE A 284 26.91 17.41 -9.31
C ILE A 284 25.60 17.09 -10.01
N TRP A 285 24.67 18.04 -10.04
CA TRP A 285 23.45 17.83 -10.78
C TRP A 285 23.47 18.45 -12.14
N THR A 286 22.66 17.87 -13.02
CA THR A 286 22.40 18.45 -14.31
C THR A 286 20.90 18.43 -14.48
N ILE A 287 20.31 19.61 -14.71
CA ILE A 287 18.90 19.70 -14.98
C ILE A 287 18.68 20.33 -16.34
N PRO A 288 18.22 19.53 -17.33
CA PRO A 288 17.93 20.03 -18.67
C PRO A 288 16.72 20.97 -18.71
N LEU A 289 16.89 22.13 -19.33
CA LEU A 289 15.77 23.02 -19.61
C LEU A 289 15.76 23.32 -21.11
N THR A 290 14.72 23.99 -21.58
CA THR A 290 14.53 24.13 -23.01
C THR A 290 15.68 24.88 -23.68
N GLY A 291 15.98 26.09 -23.22
CA GLY A 291 17.05 26.85 -23.84
C GLY A 291 18.28 27.05 -22.96
N ARG A 292 18.44 26.20 -21.94
CA ARG A 292 19.50 26.35 -20.94
C ARG A 292 19.63 25.07 -20.14
N VAL A 293 20.76 24.90 -19.47
CA VAL A 293 20.94 23.76 -18.56
C VAL A 293 21.46 24.23 -17.18
N GLY A 294 20.80 23.81 -16.13
CA GLY A 294 21.20 24.21 -14.79
C GLY A 294 22.04 23.13 -14.15
N THR A 295 23.12 23.54 -13.52
CA THR A 295 24.06 22.59 -12.94
C THR A 295 24.50 23.07 -11.55
N GLY A 296 24.91 22.13 -10.71
CA GLY A 296 25.34 22.46 -9.36
C GLY A 296 26.15 21.37 -8.67
N TYR A 297 26.92 21.76 -7.67
CA TYR A 297 27.73 20.83 -6.91
C TYR A 297 27.26 20.84 -5.45
N VAL A 298 26.61 19.75 -5.05
CA VAL A 298 26.16 19.56 -3.68
C VAL A 298 27.30 18.82 -2.95
N TYR A 299 27.81 19.39 -1.86
CA TYR A 299 28.99 18.81 -1.20
C TYR A 299 28.98 19.07 0.30
N ALA A 300 29.95 18.50 1.00
CA ALA A 300 30.08 18.70 2.45
C ALA A 300 31.29 19.59 2.71
N LYS A 301 31.08 20.77 3.31
CA LYS A 301 32.17 21.74 3.43
C LYS A 301 33.38 21.22 4.21
N ASP A 302 33.18 20.24 5.07
CA ASP A 302 34.26 19.73 5.90
C ASP A 302 35.28 18.95 5.07
N TYR A 303 34.89 18.61 3.85
CA TYR A 303 35.68 17.80 2.95
C TYR A 303 36.22 18.63 1.79
N LEU A 304 35.54 19.73 1.50
CA LEU A 304 35.82 20.50 0.31
C LEU A 304 35.54 21.98 0.56
N SER A 305 36.39 22.85 0.03
CA SER A 305 36.19 24.29 0.18
C SER A 305 35.25 24.80 -0.90
N PRO A 306 34.54 25.91 -0.60
CA PRO A 306 33.68 26.56 -1.59
C PRO A 306 34.43 26.87 -2.87
N GLU A 307 35.65 27.35 -2.78
CA GLU A 307 36.43 27.65 -3.98
C GLU A 307 36.67 26.39 -4.80
N GLU A 308 37.06 25.31 -4.12
CA GLU A 308 37.32 24.05 -4.81
C GLU A 308 36.08 23.53 -5.52
N ALA A 309 34.95 23.58 -4.82
CA ALA A 309 33.70 23.10 -5.37
C ALA A 309 33.36 23.86 -6.64
N GLU A 310 33.55 25.17 -6.63
CA GLU A 310 33.21 25.98 -7.80
C GLU A 310 34.11 25.68 -8.98
N ARG A 311 35.41 25.50 -8.71
CA ARG A 311 36.33 25.19 -9.79
C ARG A 311 36.01 23.83 -10.41
N THR A 312 35.72 22.86 -9.56
CA THR A 312 35.35 21.53 -10.04
C THR A 312 34.11 21.62 -10.93
N LEU A 313 33.09 22.30 -10.44
CA LEU A 313 31.87 22.52 -11.21
C LEU A 313 32.20 23.13 -12.59
N ARG A 314 32.98 24.21 -12.62
CA ARG A 314 33.29 24.89 -13.87
C ARG A 314 34.00 23.98 -14.86
N GLU A 315 35.01 23.24 -14.39
CA GLU A 315 35.72 22.31 -15.25
C GLU A 315 34.79 21.22 -15.79
N PHE A 316 33.96 20.68 -14.91
CA PHE A 316 33.00 19.63 -15.23
C PHE A 316 32.01 20.04 -16.32
N VAL A 317 31.56 21.29 -16.28
CA VAL A 317 30.63 21.77 -17.30
C VAL A 317 31.41 22.20 -18.56
N GLY A 318 32.65 22.60 -18.37
CA GLY A 318 33.51 22.94 -19.49
C GLY A 318 33.55 24.41 -19.84
N PRO A 319 34.24 24.74 -20.95
CA PRO A 319 34.55 26.10 -21.40
C PRO A 319 33.37 27.07 -21.36
N ALA A 320 32.14 26.58 -21.45
CA ALA A 320 30.96 27.44 -21.38
C ALA A 320 30.69 27.98 -19.96
N ALA A 321 31.35 27.39 -18.97
CA ALA A 321 31.10 27.78 -17.58
C ALA A 321 32.30 28.51 -17.02
N ALA A 322 33.25 28.83 -17.90
CA ALA A 322 34.46 29.54 -17.52
C ALA A 322 34.14 30.85 -16.79
N ASP A 323 33.20 31.62 -17.32
CA ASP A 323 32.99 32.99 -16.86
C ASP A 323 31.64 33.31 -16.22
N VAL A 324 30.67 32.42 -16.30
CA VAL A 324 29.33 32.78 -15.84
C VAL A 324 29.27 32.96 -14.32
N GLU A 325 28.20 33.61 -13.86
CA GLU A 325 27.97 33.79 -12.44
C GLU A 325 27.86 32.41 -11.76
N ALA A 326 28.44 32.31 -10.57
CA ALA A 326 28.25 31.13 -9.72
C ALA A 326 27.62 31.58 -8.41
N ASN A 327 26.67 30.81 -7.91
CA ASN A 327 25.94 31.22 -6.70
C ASN A 327 26.23 30.22 -5.55
N HIS A 328 26.75 30.67 -4.41
CA HIS A 328 26.92 29.69 -3.35
C HIS A 328 25.86 29.86 -2.31
N ILE A 329 25.54 28.77 -1.65
CA ILE A 329 24.55 28.74 -0.62
C ILE A 329 24.85 27.63 0.36
N ARG A 330 24.30 27.77 1.57
CA ARG A 330 24.36 26.74 2.59
C ARG A 330 22.96 26.23 2.87
N MET A 331 22.86 24.95 3.21
CA MET A 331 21.57 24.31 3.34
C MET A 331 21.26 23.94 4.79
N ARG A 332 19.98 24.04 5.17
CA ARG A 332 19.51 23.57 6.47
C ARG A 332 18.89 22.18 6.26
N ILE A 333 19.56 21.16 6.77
CA ILE A 333 19.22 19.77 6.47
C ILE A 333 18.47 19.12 7.63
N GLY A 334 17.19 18.80 7.41
CA GLY A 334 16.36 18.24 8.45
C GLY A 334 14.92 18.72 8.32
N ARG A 335 14.18 18.68 9.42
CA ARG A 335 12.80 19.12 9.43
C ARG A 335 12.38 19.71 10.76
N SER A 336 11.30 20.50 10.73
CA SER A 336 10.66 20.94 11.96
C SER A 336 10.07 19.74 12.65
N ARG A 337 10.11 19.74 13.98
CA ARG A 337 9.54 18.67 14.78
C ARG A 337 8.11 18.46 14.35
N ASN A 338 7.39 19.56 14.21
CA ASN A 338 5.96 19.58 13.87
C ASN A 338 5.75 20.72 12.88
N SER A 339 5.20 20.41 11.70
CA SER A 339 5.07 21.41 10.65
C SER A 339 3.80 22.22 10.84
N TRP A 340 2.88 21.70 11.67
CA TRP A 340 1.68 22.45 12.01
C TRP A 340 1.69 22.74 13.49
N VAL A 341 1.79 24.02 13.85
CA VAL A 341 1.75 24.40 15.26
C VAL A 341 0.68 25.47 15.51
N LYS A 342 -0.27 25.15 16.38
CA LYS A 342 -1.41 26.01 16.70
C LYS A 342 -2.13 26.42 15.41
N ASN A 343 -2.07 27.70 15.01
CA ASN A 343 -2.71 28.02 13.74
C ASN A 343 -1.71 28.36 12.65
N CYS A 344 -0.54 27.72 12.69
CA CYS A 344 0.49 27.90 11.66
C CYS A 344 0.92 26.58 11.00
N VAL A 345 0.96 26.57 9.65
CA VAL A 345 1.49 25.41 8.92
C VAL A 345 2.70 25.84 8.08
N ALA A 346 3.84 25.18 8.29
CA ALA A 346 5.02 25.39 7.42
C ALA A 346 4.92 24.51 6.19
N ILE A 347 5.07 25.11 5.03
CA ILE A 347 5.15 24.36 3.79
C ILE A 347 6.36 24.82 2.98
N GLY A 348 7.17 23.86 2.54
CA GLY A 348 8.35 24.17 1.77
C GLY A 348 9.57 24.04 2.66
N LEU A 349 10.60 24.84 2.37
CA LEU A 349 11.86 24.70 3.10
C LEU A 349 11.68 24.96 4.61
N SER A 350 10.63 25.69 5.00
CA SER A 350 10.36 25.93 6.43
C SER A 350 9.91 24.67 7.16
N SER A 351 9.27 23.76 6.43
CA SER A 351 8.87 22.50 7.00
C SER A 351 10.08 21.55 7.07
N GLY A 352 10.94 21.61 6.06
CA GLY A 352 12.10 20.73 6.03
C GLY A 352 12.81 20.68 4.70
N PHE A 353 13.96 20.04 4.66
CA PHE A 353 14.75 20.03 3.44
C PHE A 353 15.76 18.91 3.45
N VAL A 354 15.91 18.29 2.30
CA VAL A 354 17.02 17.40 2.05
C VAL A 354 17.69 17.81 0.76
N GLU A 355 18.94 17.40 0.58
CA GLU A 355 19.65 17.61 -0.67
C GLU A 355 18.78 17.07 -1.83
N PRO A 356 18.83 17.77 -2.98
CA PRO A 356 17.92 17.45 -4.08
C PRO A 356 18.35 16.22 -4.91
N LEU A 357 19.03 15.28 -4.26
CA LEU A 357 19.51 14.06 -4.89
C LEU A 357 18.44 13.30 -5.68
N GLU A 358 17.22 13.34 -5.19
CA GLU A 358 16.13 12.65 -5.85
C GLU A 358 15.02 13.68 -6.15
N SER A 359 15.38 14.96 -6.01
CA SER A 359 14.51 16.12 -6.21
C SER A 359 13.12 15.92 -5.60
N THR A 360 13.10 15.95 -4.28
CA THR A 360 11.91 15.69 -3.50
C THR A 360 11.24 16.98 -3.06
N GLY A 361 11.92 18.10 -3.25
CA GLY A 361 11.47 19.39 -2.74
C GLY A 361 10.05 19.80 -3.09
N ILE A 362 9.72 19.72 -4.38
CA ILE A 362 8.37 20.06 -4.82
C ILE A 362 7.38 19.02 -4.32
N PHE A 363 7.85 17.77 -4.28
CA PHE A 363 7.09 16.65 -3.72
C PHE A 363 6.69 16.93 -2.27
N PHE A 364 7.66 17.29 -1.41
CA PHE A 364 7.35 17.70 -0.03
C PHE A 364 6.23 18.76 0.01
N ILE A 365 6.30 19.72 -0.90
CA ILE A 365 5.30 20.79 -0.95
C ILE A 365 3.94 20.24 -1.41
N HIS A 366 3.96 19.45 -2.48
CA HIS A 366 2.72 18.88 -3.01
C HIS A 366 2.04 18.00 -1.98
N HIS A 367 2.81 17.18 -1.30
CA HIS A 367 2.22 16.37 -0.27
C HIS A 367 1.61 17.24 0.85
N ALA A 368 2.29 18.33 1.21
CA ALA A 368 1.90 19.18 2.32
C ALA A 368 0.57 19.88 2.09
N ILE A 369 0.32 20.37 0.88
CA ILE A 369 -0.88 21.16 0.63
C ILE A 369 -2.05 20.23 0.45
N GLU A 370 -1.73 19.03 -0.01
CA GLU A 370 -2.77 18.02 -0.12
C GLU A 370 -3.27 17.63 1.28
N GLN A 371 -2.31 17.36 2.16
CA GLN A 371 -2.60 17.05 3.55
C GLN A 371 -3.31 18.22 4.25
N LEU A 372 -2.94 19.45 3.87
CA LEU A 372 -3.61 20.64 4.43
C LEU A 372 -5.09 20.67 4.07
N VAL A 373 -5.39 20.36 2.81
CA VAL A 373 -6.77 20.32 2.36
C VAL A 373 -7.52 19.18 3.07
N LYS A 374 -6.86 18.02 3.12
CA LYS A 374 -7.39 16.82 3.74
C LYS A 374 -7.76 17.01 5.20
N ASN A 375 -6.85 17.61 5.96
CA ASN A 375 -7.00 17.77 7.39
C ASN A 375 -7.38 19.19 7.76
N PHE A 376 -7.86 19.97 6.78
CA PHE A 376 -8.28 21.34 7.04
C PHE A 376 -9.22 21.40 8.26
N PRO A 377 -8.95 22.32 9.19
CA PRO A 377 -9.69 22.43 10.44
C PRO A 377 -11.03 23.17 10.34
N ALA A 378 -11.93 22.95 11.29
CA ALA A 378 -13.09 23.83 11.44
C ALA A 378 -12.81 24.69 12.65
N ALA A 379 -13.74 25.57 13.02
CA ALA A 379 -13.43 26.57 14.03
C ALA A 379 -13.33 25.99 15.46
N ASP A 380 -13.64 24.70 15.64
CA ASP A 380 -13.33 24.05 16.92
C ASP A 380 -11.84 23.67 17.03
N TRP A 381 -11.10 23.78 15.93
CA TRP A 381 -9.67 23.40 15.86
C TRP A 381 -9.37 22.10 16.59
N ASN A 382 -10.11 21.05 16.26
CA ASN A 382 -9.87 19.73 16.81
C ASN A 382 -8.40 19.40 16.61
N SER A 383 -7.69 19.17 17.72
CA SER A 383 -6.25 18.93 17.69
C SER A 383 -5.87 17.71 16.85
N MET A 384 -6.84 16.83 16.59
CA MET A 384 -6.56 15.61 15.83
C MET A 384 -6.19 15.92 14.38
N HIS A 385 -6.79 16.96 13.82
CA HIS A 385 -6.44 17.35 12.45
C HIS A 385 -4.94 17.62 12.38
N ARG A 386 -4.46 18.42 13.32
CA ARG A 386 -3.05 18.76 13.44
C ARG A 386 -2.18 17.51 13.60
N ASP A 387 -2.58 16.60 14.49
CA ASP A 387 -1.78 15.40 14.75
C ASP A 387 -1.67 14.53 13.51
N LEU A 388 -2.79 14.39 12.81
CA LEU A 388 -2.83 13.61 11.58
C LEU A 388 -1.91 14.25 10.53
N TYR A 389 -2.03 15.57 10.39
CA TYR A 389 -1.21 16.29 9.43
C TYR A 389 0.27 16.08 9.73
N ASN A 390 0.66 16.32 10.99
CA ASN A 390 2.07 16.23 11.35
C ASN A 390 2.62 14.82 11.24
N SER A 391 1.77 13.85 11.49
CA SER A 391 2.14 12.47 11.37
C SER A 391 2.44 12.21 9.90
N ALA A 392 1.56 12.72 9.03
CA ALA A 392 1.68 12.45 7.59
C ALA A 392 2.95 13.04 6.99
N VAL A 393 3.27 14.30 7.31
CA VAL A 393 4.42 14.93 6.67
C VAL A 393 5.74 14.50 7.31
N SER A 394 5.74 14.17 8.61
CA SER A 394 7.00 13.76 9.23
C SER A 394 7.43 12.40 8.67
N HIS A 395 6.45 11.54 8.41
CA HIS A 395 6.70 10.23 7.83
C HIS A 395 7.30 10.35 6.44
N VAL A 396 6.80 11.33 5.71
CA VAL A 396 7.21 11.55 4.34
C VAL A 396 8.66 11.94 4.34
N MET A 397 9.00 12.93 5.17
CA MET A 397 10.37 13.42 5.26
C MET A 397 11.33 12.37 5.83
N ASP A 398 10.94 11.72 6.93
CA ASP A 398 11.80 10.71 7.56
C ASP A 398 12.05 9.52 6.63
N GLY A 399 10.99 9.08 5.94
CA GLY A 399 11.10 8.00 4.96
C GLY A 399 12.05 8.33 3.83
N VAL A 400 11.94 9.54 3.28
CA VAL A 400 12.82 9.94 2.19
C VAL A 400 14.29 10.07 2.64
N ARG A 401 14.49 10.55 3.86
CA ARG A 401 15.84 10.69 4.38
C ARG A 401 16.51 9.31 4.41
N GLU A 402 15.80 8.32 4.95
CA GLU A 402 16.28 6.94 4.96
C GLU A 402 16.68 6.51 3.54
N PHE A 403 15.79 6.78 2.59
CA PHE A 403 16.03 6.48 1.18
C PHE A 403 17.29 7.20 0.65
N LEU A 404 17.52 8.43 1.08
CA LEU A 404 18.68 9.17 0.61
C LEU A 404 19.98 8.65 1.25
N VAL A 405 19.91 8.31 2.53
CA VAL A 405 21.05 7.70 3.22
C VAL A 405 21.54 6.47 2.46
N LEU A 406 20.60 5.65 2.02
CA LEU A 406 20.89 4.43 1.28
C LEU A 406 21.72 4.69 0.04
N HIS A 407 21.54 5.86 -0.57
CA HIS A 407 22.31 6.20 -1.76
C HIS A 407 23.79 6.15 -1.45
N TYR A 408 24.17 6.64 -0.27
CA TYR A 408 25.57 6.69 0.09
C TYR A 408 26.03 5.40 0.73
N VAL A 409 25.15 4.76 1.49
CA VAL A 409 25.52 3.51 2.12
C VAL A 409 25.77 2.45 1.04
N ALA A 410 24.93 2.41 0.02
CA ALA A 410 25.06 1.40 -1.03
C ALA A 410 26.11 1.72 -2.11
N ALA A 411 26.53 2.98 -2.19
CA ALA A 411 27.47 3.36 -3.24
C ALA A 411 28.78 2.59 -3.08
N LYS A 412 29.21 1.93 -4.14
CA LYS A 412 30.42 1.09 -4.08
C LYS A 412 31.73 1.88 -4.05
N ARG A 413 31.77 3.07 -4.68
CA ARG A 413 33.05 3.78 -4.73
C ARG A 413 33.55 4.14 -3.31
N ASN A 414 34.86 4.10 -3.16
CA ASN A 414 35.52 4.20 -1.86
C ASN A 414 36.83 4.97 -1.97
N ASP A 415 36.96 5.79 -3.02
CA ASP A 415 38.28 6.31 -3.42
C ASP A 415 38.68 7.66 -2.83
N THR A 416 37.84 8.26 -2.00
CA THR A 416 38.24 9.46 -1.26
C THR A 416 37.85 9.30 0.18
N GLN A 417 38.41 10.11 1.06
CA GLN A 417 38.02 10.04 2.47
C GLN A 417 36.49 10.15 2.60
N TYR A 418 35.91 11.12 1.90
CA TYR A 418 34.45 11.30 1.88
C TYR A 418 33.71 9.99 1.57
N TRP A 419 34.09 9.31 0.48
CA TRP A 419 33.38 8.09 0.11
C TRP A 419 33.65 6.95 1.08
N ARG A 420 34.76 7.02 1.82
CA ARG A 420 35.03 6.02 2.84
C ARG A 420 34.14 6.23 4.05
N ASP A 421 33.87 7.50 4.34
CA ASP A 421 33.12 7.88 5.53
C ASP A 421 31.64 7.57 5.40
N THR A 422 31.17 7.38 4.17
CA THR A 422 29.77 7.03 3.93
C THR A 422 29.46 5.64 4.47
N LYS A 423 30.48 4.79 4.61
CA LYS A 423 30.32 3.44 5.15
C LYS A 423 30.49 3.37 6.66
N THR A 424 30.84 4.50 7.28
CA THR A 424 31.09 4.50 8.71
C THR A 424 30.23 5.51 9.48
N ARG A 425 29.60 6.44 8.77
CA ARG A 425 28.67 7.36 9.42
C ARG A 425 27.50 6.66 10.11
N LYS A 426 26.96 7.30 11.13
CA LYS A 426 25.76 6.80 11.78
C LYS A 426 24.63 6.67 10.76
N ILE A 427 23.88 5.58 10.88
CA ILE A 427 22.67 5.40 10.09
C ILE A 427 21.49 5.15 11.01
N PRO A 428 20.27 5.48 10.56
CA PRO A 428 19.08 5.06 11.31
C PRO A 428 19.12 3.56 11.63
N ASP A 429 18.87 3.21 12.89
CA ASP A 429 18.89 1.82 13.34
C ASP A 429 17.96 0.98 12.48
N SER A 430 16.83 1.59 12.10
CA SER A 430 15.86 0.91 11.27
C SER A 430 16.47 0.54 9.92
N LEU A 431 17.33 1.42 9.41
CA LEU A 431 17.88 1.23 8.08
C LEU A 431 18.81 0.03 8.04
N ALA A 432 19.67 -0.09 9.05
CA ALA A 432 20.60 -1.22 9.09
C ALA A 432 19.82 -2.53 9.12
N GLU A 433 18.75 -2.57 9.89
CA GLU A 433 17.92 -3.78 9.98
C GLU A 433 17.31 -4.10 8.64
N ARG A 434 16.82 -3.07 7.95
CA ARG A 434 16.26 -3.29 6.62
C ARG A 434 17.32 -3.75 5.61
N ILE A 435 18.54 -3.21 5.71
CA ILE A 435 19.61 -3.62 4.80
C ILE A 435 19.90 -5.13 4.98
N GLU A 436 19.90 -5.62 6.21
CA GLU A 436 20.08 -7.05 6.44
C GLU A 436 18.99 -7.86 5.73
N LYS A 437 17.78 -7.32 5.66
CA LYS A 437 16.69 -8.02 4.99
C LYS A 437 16.96 -8.05 3.48
N TRP A 438 17.38 -6.91 2.94
CA TRP A 438 17.54 -6.73 1.52
C TRP A 438 18.67 -7.59 0.93
N LYS A 439 19.64 -7.95 1.77
CA LYS A 439 20.75 -8.78 1.33
C LYS A 439 20.24 -10.17 0.92
N VAL A 440 19.08 -10.55 1.45
CA VAL A 440 18.52 -11.87 1.20
C VAL A 440 17.30 -11.77 0.30
N GLN A 441 16.53 -10.70 0.45
CA GLN A 441 15.33 -10.54 -0.35
C GLN A 441 15.19 -9.08 -0.76
N LEU A 442 15.11 -8.85 -2.07
CA LEU A 442 15.02 -7.50 -2.59
C LEU A 442 13.87 -6.76 -1.93
N PRO A 443 14.03 -5.45 -1.68
CA PRO A 443 13.05 -4.51 -1.13
C PRO A 443 11.62 -4.87 -1.53
N ASP A 444 10.85 -5.05 -0.47
CA ASP A 444 9.50 -5.56 -0.53
C ASP A 444 8.57 -4.54 0.09
N SER A 445 7.29 -4.61 -0.26
CA SER A 445 6.28 -3.74 0.34
C SER A 445 6.32 -3.77 1.88
N GLU A 446 6.74 -4.89 2.45
CA GLU A 446 6.81 -5.09 3.88
C GLU A 446 8.17 -4.76 4.54
N THR A 447 9.19 -4.45 3.74
CA THR A 447 10.52 -4.26 4.31
C THR A 447 11.10 -2.89 3.98
N VAL A 448 10.22 -1.95 3.64
CA VAL A 448 10.60 -0.56 3.45
C VAL A 448 9.94 0.21 4.59
N TYR A 449 10.36 1.45 4.81
CA TYR A 449 9.69 2.34 5.74
C TYR A 449 8.18 2.21 5.57
N PRO A 450 7.49 1.76 6.62
CA PRO A 450 6.11 1.29 6.45
C PRO A 450 5.08 2.37 6.25
N TYR A 451 5.42 3.65 6.40
CA TYR A 451 4.40 4.67 6.12
C TYR A 451 4.70 5.33 4.79
N TYR A 452 3.67 5.92 4.18
CA TYR A 452 3.81 6.60 2.90
C TYR A 452 4.91 7.66 2.93
N HIS A 453 5.81 7.59 1.96
CA HIS A 453 6.89 8.58 1.83
C HIS A 453 7.29 8.71 0.34
N GLY A 454 6.39 8.31 -0.55
CA GLY A 454 6.54 8.61 -1.97
C GLY A 454 7.35 7.62 -2.78
N LEU A 455 7.92 6.61 -2.13
CA LEU A 455 8.85 5.72 -2.82
C LEU A 455 8.42 4.26 -2.68
N PRO A 456 8.05 3.66 -3.80
CA PRO A 456 7.72 2.23 -3.87
C PRO A 456 8.98 1.38 -3.74
N PRO A 457 8.81 0.09 -3.42
CA PRO A 457 9.94 -0.85 -3.33
C PRO A 457 10.89 -0.83 -4.52
N TYR A 458 10.40 -0.66 -5.75
CA TYR A 458 11.31 -0.72 -6.89
C TYR A 458 12.30 0.42 -6.89
N SER A 459 11.96 1.52 -6.23
CA SER A 459 12.91 2.62 -6.12
C SER A 459 14.09 2.17 -5.27
N TYR A 460 13.78 1.46 -4.20
CA TYR A 460 14.82 0.94 -3.35
C TYR A 460 15.65 -0.10 -4.12
N MET A 461 14.97 -0.95 -4.89
CA MET A 461 15.69 -1.94 -5.69
C MET A 461 16.69 -1.29 -6.64
N CYS A 462 16.24 -0.22 -7.29
CA CYS A 462 17.08 0.46 -8.27
C CYS A 462 18.37 0.97 -7.61
N ILE A 463 18.24 1.59 -6.46
CA ILE A 463 19.41 2.12 -5.78
C ILE A 463 20.34 0.96 -5.38
N LEU A 464 19.80 -0.08 -4.77
CA LEU A 464 20.63 -1.23 -4.40
C LEU A 464 21.39 -1.85 -5.58
N LEU A 465 20.67 -2.16 -6.65
CA LEU A 465 21.25 -2.86 -7.77
C LEU A 465 22.28 -1.96 -8.45
N GLY A 466 21.93 -0.69 -8.58
CA GLY A 466 22.77 0.29 -9.25
C GLY A 466 24.05 0.71 -8.53
N MET A 467 23.97 0.98 -7.22
CA MET A 467 25.16 1.47 -6.52
C MET A 467 26.17 0.38 -6.32
N GLY A 468 25.70 -0.86 -6.30
CA GLY A 468 26.52 -2.06 -6.26
C GLY A 468 27.51 -2.23 -5.12
N GLY A 469 27.22 -1.67 -3.95
CA GLY A 469 28.14 -1.77 -2.83
C GLY A 469 27.68 -2.78 -1.83
N ILE A 470 26.41 -3.13 -1.92
CA ILE A 470 25.81 -4.16 -1.09
C ILE A 470 25.61 -5.44 -1.90
N GLU A 471 26.23 -6.53 -1.47
CA GLU A 471 26.03 -7.80 -2.14
C GLU A 471 24.56 -8.24 -2.03
N LEU A 472 23.99 -8.66 -3.14
CA LEU A 472 22.58 -9.03 -3.24
C LEU A 472 22.42 -10.46 -3.74
N LYS A 473 21.34 -11.12 -3.32
CA LYS A 473 21.07 -12.52 -3.69
C LYS A 473 19.64 -12.69 -4.20
N PRO A 474 19.47 -13.54 -5.22
CA PRO A 474 18.14 -13.88 -5.73
C PRO A 474 17.44 -14.83 -4.79
N SER A 475 16.11 -14.86 -4.80
CA SER A 475 15.34 -15.77 -3.95
C SER A 475 15.57 -17.21 -4.36
N PRO A 476 16.00 -18.05 -3.41
CA PRO A 476 16.21 -19.49 -3.59
C PRO A 476 15.13 -20.17 -4.39
N ALA A 477 13.89 -19.74 -4.20
CA ALA A 477 12.77 -20.35 -4.91
C ALA A 477 12.94 -20.27 -6.42
N LEU A 478 13.60 -19.21 -6.92
CA LEU A 478 13.82 -19.05 -8.36
C LEU A 478 14.59 -20.22 -8.97
N ALA A 479 15.47 -20.86 -8.18
CA ALA A 479 16.19 -22.05 -8.64
C ALA A 479 15.28 -23.26 -8.85
N LEU A 480 14.06 -23.19 -8.33
CA LEU A 480 13.15 -24.32 -8.39
C LEU A 480 11.98 -24.02 -9.30
N ALA A 481 11.81 -22.75 -9.66
CA ALA A 481 10.70 -22.36 -10.53
C ALA A 481 11.16 -22.34 -11.98
N ASP A 482 10.22 -22.50 -12.90
CA ASP A 482 10.53 -22.44 -14.31
C ASP A 482 10.83 -21.00 -14.74
N GLY A 483 12.02 -20.77 -15.27
CA GLY A 483 12.46 -19.43 -15.62
C GLY A 483 11.90 -18.89 -16.93
N GLY A 484 11.13 -19.72 -17.63
CA GLY A 484 10.63 -19.40 -18.95
C GLY A 484 9.80 -18.15 -19.07
N ALA A 485 8.86 -18.00 -18.15
CA ALA A 485 7.96 -16.86 -18.18
C ALA A 485 8.74 -15.56 -17.99
N ALA A 486 9.75 -15.62 -17.13
CA ALA A 486 10.55 -14.43 -16.84
C ALA A 486 11.35 -14.04 -18.06
N GLN A 487 11.97 -15.03 -18.69
CA GLN A 487 12.72 -14.80 -19.92
C GLN A 487 11.80 -14.21 -21.01
N ARG A 488 10.53 -14.63 -21.03
CA ARG A 488 9.61 -14.06 -22.02
C ARG A 488 9.21 -12.65 -21.62
N GLU A 489 9.28 -12.35 -20.33
CA GLU A 489 9.00 -11.00 -19.90
C GLU A 489 10.18 -10.08 -20.28
N PHE A 490 11.41 -10.56 -20.08
CA PHE A 490 12.58 -9.80 -20.50
C PHE A 490 12.51 -9.55 -22.00
N GLU A 491 12.11 -10.59 -22.73
CA GLU A 491 12.06 -10.52 -24.18
C GLU A 491 11.01 -9.54 -24.67
N GLN A 492 9.85 -9.51 -24.02
CA GLN A 492 8.81 -8.58 -24.41
C GLN A 492 9.30 -7.15 -24.22
N ILE A 493 9.99 -6.91 -23.11
CA ILE A 493 10.55 -5.59 -22.85
C ILE A 493 11.57 -5.23 -23.94
N ARG A 494 12.46 -6.15 -24.28
CA ARG A 494 13.49 -5.86 -25.28
C ARG A 494 12.85 -5.55 -26.63
N ASN A 495 11.87 -6.33 -27.03
CA ASN A 495 11.21 -6.08 -28.30
C ASN A 495 10.52 -4.71 -28.31
N LYS A 496 9.71 -4.42 -27.30
CA LYS A 496 9.08 -3.10 -27.17
C LYS A 496 10.10 -1.99 -27.33
N THR A 497 11.26 -2.19 -26.73
CA THR A 497 12.25 -1.15 -26.61
C THR A 497 13.00 -0.92 -27.93
N GLN A 498 13.10 -1.96 -28.76
CA GLN A 498 13.76 -1.79 -30.04
C GLN A 498 12.75 -1.31 -31.09
N ARG A 499 11.47 -1.62 -30.91
CA ARG A 499 10.44 -0.96 -31.70
C ARG A 499 10.42 0.53 -31.36
N LEU A 500 10.25 0.84 -30.07
CA LEU A 500 10.16 2.23 -29.63
C LEU A 500 11.33 3.09 -30.10
N THR A 501 12.55 2.57 -29.98
CA THR A 501 13.77 3.29 -30.41
C THR A 501 13.67 3.89 -31.83
N GLU A 502 12.89 3.25 -32.69
CA GLU A 502 12.79 3.66 -34.07
C GLU A 502 11.81 4.81 -34.32
N VAL A 503 10.72 4.87 -33.56
CA VAL A 503 9.60 5.74 -33.93
C VAL A 503 9.37 6.96 -33.02
N LEU A 504 10.14 7.07 -31.95
CA LEU A 504 9.99 8.22 -31.06
C LEU A 504 10.95 9.33 -31.45
N PRO A 505 10.47 10.59 -31.40
CA PRO A 505 11.31 11.75 -31.66
C PRO A 505 12.37 11.95 -30.58
N LYS A 506 13.42 12.70 -30.89
CA LYS A 506 14.45 13.02 -29.90
C LYS A 506 13.87 13.97 -28.84
N ALA A 507 14.59 14.15 -27.73
CA ALA A 507 14.12 15.02 -26.66
C ALA A 507 14.05 16.50 -27.08
N TYR A 508 15.19 17.09 -27.47
CA TYR A 508 15.24 18.52 -27.84
C TYR A 508 14.37 18.80 -29.07
N ASP A 509 14.36 17.88 -30.04
CA ASP A 509 13.48 17.99 -31.19
C ASP A 509 12.08 17.46 -30.90
N LEU B 1 17.69 -28.06 -1.44
CA LEU B 1 16.45 -28.40 -0.75
C LEU B 1 15.28 -28.55 -1.69
N ASN B 2 14.69 -29.73 -1.66
CA ASN B 2 13.79 -30.17 -2.71
C ASN B 2 12.65 -31.05 -2.17
N ASN B 3 12.84 -31.55 -0.95
CA ASN B 3 11.96 -32.54 -0.37
C ASN B 3 11.09 -31.98 0.77
N VAL B 4 9.78 -32.12 0.61
CA VAL B 4 8.82 -31.59 1.55
C VAL B 4 7.88 -32.68 2.02
N VAL B 5 7.67 -32.75 3.33
CA VAL B 5 6.69 -33.67 3.87
C VAL B 5 5.57 -32.86 4.50
N ILE B 6 4.34 -33.14 4.08
CA ILE B 6 3.19 -32.41 4.61
C ILE B 6 2.46 -33.36 5.54
N VAL B 7 2.26 -32.93 6.78
CA VAL B 7 1.55 -33.74 7.76
C VAL B 7 0.22 -33.14 8.04
N GLY B 8 -0.82 -33.80 7.53
CA GLY B 8 -2.19 -33.35 7.68
C GLY B 8 -2.76 -33.01 6.32
N GLY B 9 -4.04 -33.31 6.11
CA GLY B 9 -4.71 -33.00 4.86
C GLY B 9 -5.63 -31.80 4.98
N GLY B 10 -6.92 -32.00 4.71
CA GLY B 10 -7.88 -30.91 4.72
C GLY B 10 -7.49 -29.83 3.73
N THR B 11 -8.06 -28.64 3.90
CA THR B 11 -7.75 -27.54 3.01
C THR B 11 -6.30 -27.07 3.17
N ALA B 12 -5.76 -27.12 4.39
CA ALA B 12 -4.41 -26.59 4.61
C ALA B 12 -3.37 -27.42 3.87
N GLY B 13 -3.43 -28.74 4.04
CA GLY B 13 -2.41 -29.61 3.48
C GLY B 13 -2.50 -29.60 1.96
N TRP B 14 -3.72 -29.76 1.46
CA TRP B 14 -3.86 -29.87 0.01
C TRP B 14 -3.74 -28.51 -0.69
N MET B 15 -4.10 -27.41 -0.04
CA MET B 15 -3.80 -26.12 -0.67
C MET B 15 -2.27 -25.97 -0.77
N THR B 16 -1.55 -26.38 0.27
CA THR B 16 -0.11 -26.30 0.28
C THR B 16 0.44 -27.19 -0.82
N ALA B 17 -0.09 -28.42 -0.91
CA ALA B 17 0.49 -29.38 -1.85
C ALA B 17 0.28 -28.91 -3.27
N SER B 18 -0.92 -28.45 -3.57
CA SER B 18 -1.22 -28.02 -4.92
C SER B 18 -0.47 -26.74 -5.28
N TYR B 19 -0.28 -25.85 -4.30
CA TYR B 19 0.33 -24.56 -4.59
C TYR B 19 1.84 -24.72 -4.81
N LEU B 20 2.45 -25.62 -4.05
CA LEU B 20 3.84 -25.94 -4.26
C LEU B 20 4.06 -26.55 -5.64
N LYS B 21 3.17 -27.44 -6.04
CA LYS B 21 3.37 -28.11 -7.33
C LYS B 21 3.10 -27.13 -8.47
N ALA B 22 2.16 -26.21 -8.26
CA ALA B 22 1.91 -25.16 -9.24
C ALA B 22 3.13 -24.25 -9.41
N ALA B 23 3.77 -23.91 -8.31
CA ALA B 23 4.93 -23.03 -8.33
C ALA B 23 6.18 -23.74 -8.84
N PHE B 24 6.45 -24.91 -8.28
CA PHE B 24 7.58 -25.73 -8.70
C PHE B 24 6.99 -27.03 -9.21
N GLY B 25 7.26 -27.40 -10.44
CA GLY B 25 6.57 -28.57 -10.97
C GLY B 25 7.22 -29.82 -10.45
N ASP B 26 7.96 -30.48 -11.33
CA ASP B 26 8.64 -31.72 -10.97
C ASP B 26 9.91 -31.42 -10.19
N ARG B 27 10.20 -30.14 -10.02
CA ARG B 27 11.37 -29.70 -9.27
C ARG B 27 11.18 -29.76 -7.75
N ILE B 28 9.96 -30.09 -7.30
CA ILE B 28 9.71 -30.21 -5.87
C ILE B 28 9.18 -31.60 -5.61
N ASP B 29 9.69 -32.25 -4.56
CA ASP B 29 9.29 -33.60 -4.19
C ASP B 29 8.41 -33.54 -2.95
N ILE B 30 7.18 -34.03 -3.07
CA ILE B 30 6.23 -33.85 -1.98
C ILE B 30 5.52 -35.13 -1.58
N THR B 31 5.50 -35.36 -0.26
CA THR B 31 4.73 -36.44 0.34
C THR B 31 3.77 -35.85 1.37
N LEU B 32 2.48 -36.16 1.22
CA LEU B 32 1.49 -35.73 2.18
C LEU B 32 0.90 -36.96 2.89
N VAL B 33 1.04 -36.98 4.21
CA VAL B 33 0.41 -38.02 4.99
C VAL B 33 -0.73 -37.44 5.83
N GLU B 34 -1.90 -38.08 5.75
CA GLU B 34 -3.09 -37.58 6.41
C GLU B 34 -3.89 -38.74 6.95
N SER B 35 -4.69 -38.49 7.96
CA SER B 35 -5.57 -39.52 8.47
C SER B 35 -6.97 -39.21 7.96
N GLY B 36 -7.40 -37.99 8.23
CA GLY B 36 -8.74 -37.52 7.87
C GLY B 36 -9.24 -36.41 8.78
N HIS B 37 -10.45 -35.93 8.55
CA HIS B 37 -10.83 -34.60 9.04
C HIS B 37 -11.76 -34.53 10.28
N ILE B 38 -11.36 -33.58 11.13
CA ILE B 38 -11.86 -33.19 12.46
C ILE B 38 -13.34 -32.78 12.57
N GLY B 39 -13.86 -32.32 11.44
CA GLY B 39 -15.23 -31.88 11.27
C GLY B 39 -15.10 -30.56 10.52
N ALA B 40 -13.87 -30.22 10.14
CA ALA B 40 -13.47 -28.82 9.92
C ALA B 40 -13.95 -28.04 11.15
N VAL B 41 -14.78 -27.03 10.92
CA VAL B 41 -15.55 -26.43 12.01
C VAL B 41 -17.00 -26.31 11.53
N GLY B 42 -17.23 -26.80 10.32
CA GLY B 42 -18.55 -26.78 9.69
C GLY B 42 -18.43 -27.34 8.28
N VAL B 43 -19.56 -27.61 7.64
CA VAL B 43 -19.54 -28.14 6.29
C VAL B 43 -19.02 -27.06 5.32
N GLY B 44 -19.55 -25.84 5.45
CA GLY B 44 -19.18 -24.76 4.58
C GLY B 44 -18.03 -23.93 5.09
N GLU B 45 -17.34 -23.27 4.17
CA GLU B 45 -16.37 -22.25 4.51
C GLU B 45 -16.49 -21.12 3.48
N ALA B 46 -15.88 -19.96 3.76
CA ALA B 46 -15.91 -18.85 2.82
C ALA B 46 -14.51 -18.22 2.68
N THR B 47 -14.40 -17.17 1.85
CA THR B 47 -13.08 -16.68 1.39
C THR B 47 -13.06 -15.17 1.13
N PHE B 48 -11.87 -14.58 0.97
CA PHE B 48 -11.70 -13.21 0.47
C PHE B 48 -11.80 -13.22 -1.05
N SER B 49 -11.99 -12.05 -1.66
CA SER B 49 -12.02 -11.96 -3.12
C SER B 49 -10.61 -12.26 -3.66
N ASP B 50 -9.59 -12.07 -2.81
CA ASP B 50 -8.22 -12.46 -3.13
C ASP B 50 -8.02 -13.97 -3.43
N ILE B 51 -8.93 -14.82 -2.98
CA ILE B 51 -8.81 -16.26 -3.27
C ILE B 51 -8.77 -16.51 -4.79
N ARG B 52 -9.22 -15.54 -5.57
CA ARG B 52 -9.09 -15.68 -7.01
C ARG B 52 -7.64 -15.84 -7.48
N HIS B 53 -6.63 -15.28 -6.80
CA HIS B 53 -5.31 -15.49 -7.36
C HIS B 53 -4.91 -16.98 -7.13
N PHE B 54 -5.43 -17.58 -6.06
CA PHE B 54 -5.05 -18.94 -5.70
C PHE B 54 -5.40 -19.89 -6.84
N PHE B 55 -6.66 -19.87 -7.28
CA PHE B 55 -7.13 -20.68 -8.39
C PHE B 55 -6.49 -20.30 -9.72
N GLU B 56 -6.39 -19.00 -10.01
CA GLU B 56 -5.74 -18.58 -11.25
C GLU B 56 -4.31 -19.09 -11.27
N PHE B 57 -3.61 -18.96 -10.14
CA PHE B 57 -2.23 -19.47 -10.03
C PHE B 57 -2.18 -20.97 -10.29
N LEU B 58 -3.15 -21.70 -9.75
CA LEU B 58 -3.22 -23.14 -10.00
C LEU B 58 -3.64 -23.45 -11.44
N GLY B 59 -4.16 -22.46 -12.15
CA GLY B 59 -4.53 -22.64 -13.55
C GLY B 59 -5.94 -23.23 -13.67
N LEU B 60 -6.74 -23.02 -12.64
CA LEU B 60 -8.08 -23.57 -12.55
C LEU B 60 -9.15 -22.54 -12.87
N LYS B 61 -10.09 -22.92 -13.73
CA LYS B 61 -11.24 -22.07 -14.06
C LYS B 61 -12.41 -22.37 -13.11
N GLU B 62 -13.30 -21.40 -12.92
CA GLU B 62 -14.45 -21.59 -12.04
C GLU B 62 -15.27 -22.79 -12.43
N LYS B 63 -15.38 -23.05 -13.74
CA LYS B 63 -16.18 -24.17 -14.22
C LYS B 63 -15.55 -25.51 -13.82
N ASP B 64 -14.23 -25.52 -13.62
CA ASP B 64 -13.55 -26.74 -13.18
C ASP B 64 -13.94 -27.13 -11.75
N TRP B 65 -13.82 -26.21 -10.81
CA TRP B 65 -13.86 -26.58 -9.40
C TRP B 65 -15.18 -26.29 -8.66
N MET B 66 -15.89 -25.23 -9.06
CA MET B 66 -17.10 -24.81 -8.34
C MET B 66 -18.19 -25.89 -8.30
N PRO B 67 -18.49 -26.54 -9.44
CA PRO B 67 -19.54 -27.56 -9.33
C PRO B 67 -19.11 -28.73 -8.47
N ALA B 68 -17.85 -29.14 -8.60
CA ALA B 68 -17.36 -30.26 -7.83
C ALA B 68 -17.33 -29.95 -6.32
N CYS B 69 -17.35 -28.66 -5.97
CA CYS B 69 -17.28 -28.25 -4.58
C CYS B 69 -18.57 -27.65 -4.00
N ASN B 70 -19.65 -27.66 -4.77
CA ASN B 70 -20.92 -27.05 -4.36
C ASN B 70 -20.77 -25.55 -4.08
N ALA B 71 -19.95 -24.88 -4.87
CA ALA B 71 -19.57 -23.50 -4.56
C ALA B 71 -20.55 -22.45 -5.09
N THR B 72 -20.70 -21.39 -4.33
CA THR B 72 -21.55 -20.27 -4.70
C THR B 72 -20.72 -18.98 -4.61
N TYR B 73 -21.21 -17.91 -5.21
CA TYR B 73 -20.55 -16.61 -5.10
C TYR B 73 -20.82 -15.96 -3.75
N LYS B 74 -19.75 -15.49 -3.11
CA LYS B 74 -19.84 -14.60 -1.96
C LYS B 74 -19.60 -13.15 -2.37
N LEU B 75 -20.62 -12.30 -2.30
CA LEU B 75 -20.44 -10.90 -2.70
C LEU B 75 -20.15 -9.97 -1.52
N ALA B 76 -20.38 -10.46 -0.31
CA ALA B 76 -20.12 -9.68 0.90
C ALA B 76 -20.26 -10.55 2.11
N VAL B 77 -19.89 -9.98 3.25
CA VAL B 77 -20.41 -10.44 4.52
C VAL B 77 -21.58 -9.54 4.87
N ARG B 78 -22.74 -10.13 5.11
CA ARG B 78 -23.88 -9.37 5.59
C ARG B 78 -23.99 -9.44 7.10
N PHE B 79 -23.77 -8.30 7.77
CA PHE B 79 -23.91 -8.26 9.21
C PHE B 79 -25.31 -7.88 9.64
N GLU B 80 -25.98 -8.77 10.37
CA GLU B 80 -27.32 -8.47 10.88
C GLU B 80 -27.33 -8.31 12.39
N ASN B 81 -28.07 -7.31 12.85
CA ASN B 81 -28.45 -7.17 14.26
C ASN B 81 -27.29 -6.84 15.17
N TRP B 82 -26.21 -6.33 14.58
CA TRP B 82 -25.06 -5.88 15.36
C TRP B 82 -25.29 -4.46 15.93
N ARG B 83 -25.88 -3.60 15.10
CA ARG B 83 -26.17 -2.24 15.51
C ARG B 83 -27.44 -2.23 16.37
N GLU B 84 -28.48 -2.88 15.85
CA GLU B 84 -29.78 -2.97 16.51
C GLU B 84 -30.58 -4.08 15.84
N LYS B 85 -31.71 -4.46 16.42
CA LYS B 85 -32.42 -5.64 15.94
C LYS B 85 -33.05 -5.46 14.55
N GLY B 86 -33.46 -4.26 14.21
CA GLY B 86 -33.94 -4.09 12.85
C GLY B 86 -32.95 -4.34 11.70
N HIS B 87 -31.67 -4.01 11.87
CA HIS B 87 -30.90 -3.86 10.64
C HIS B 87 -29.68 -4.71 10.36
N TYR B 88 -29.35 -4.64 9.07
CA TYR B 88 -28.15 -5.20 8.48
C TYR B 88 -27.40 -4.20 7.59
N PHE B 89 -26.16 -4.54 7.23
CA PHE B 89 -25.37 -3.81 6.25
C PHE B 89 -24.36 -4.76 5.64
N TYR B 90 -23.67 -4.29 4.61
CA TYR B 90 -22.72 -5.15 3.93
C TYR B 90 -21.29 -4.70 4.10
N HIS B 91 -20.43 -5.69 4.25
CA HIS B 91 -19.01 -5.54 3.98
C HIS B 91 -18.74 -6.17 2.63
N PRO B 92 -18.77 -5.37 1.57
CA PRO B 92 -18.65 -5.93 0.22
C PRO B 92 -17.23 -5.91 -0.37
N PHE B 93 -17.10 -6.56 -1.51
CA PHE B 93 -15.84 -6.67 -2.23
C PHE B 93 -15.86 -5.67 -3.36
N GLU B 94 -15.69 -4.40 -3.01
CA GLU B 94 -15.87 -3.29 -3.94
C GLU B 94 -15.06 -2.11 -3.42
N GLN B 95 -14.25 -1.52 -4.30
CA GLN B 95 -13.38 -0.43 -3.87
C GLN B 95 -14.17 0.82 -3.47
N MET B 96 -13.63 1.56 -2.52
CA MET B 96 -14.21 2.83 -2.11
C MET B 96 -13.92 3.90 -3.17
N ARG B 97 -14.95 4.60 -3.61
CA ARG B 97 -14.79 5.69 -4.57
C ARG B 97 -14.39 6.94 -3.80
N SER B 98 -13.62 7.82 -4.42
CA SER B 98 -13.27 9.06 -3.76
C SER B 98 -13.65 10.22 -4.67
N VAL B 99 -14.18 11.29 -4.08
CA VAL B 99 -14.56 12.46 -4.86
C VAL B 99 -13.71 13.64 -4.43
N ASN B 100 -13.00 14.21 -5.41
CA ASN B 100 -12.04 15.29 -5.21
C ASN B 100 -11.20 15.17 -3.93
N GLY B 101 -10.62 14.00 -3.72
CA GLY B 101 -9.70 13.79 -2.61
C GLY B 101 -10.25 13.10 -1.37
N PHE B 102 -11.58 13.00 -1.27
CA PHE B 102 -12.18 12.42 -0.08
C PHE B 102 -13.01 11.17 -0.43
N PRO B 103 -12.89 10.12 0.40
CA PRO B 103 -13.70 8.90 0.23
C PRO B 103 -15.18 9.22 0.18
N LEU B 104 -15.93 8.49 -0.63
CA LEU B 104 -17.34 8.76 -0.79
C LEU B 104 -18.08 8.64 0.55
N THR B 105 -17.60 7.75 1.41
CA THR B 105 -18.17 7.63 2.76
C THR B 105 -17.99 8.89 3.59
N ASP B 106 -16.90 9.62 3.35
CA ASP B 106 -16.70 10.90 4.02
C ASP B 106 -17.80 11.85 3.55
N TRP B 107 -18.04 11.87 2.25
CA TRP B 107 -19.12 12.66 1.69
C TRP B 107 -20.48 12.18 2.22
N TRP B 108 -20.68 10.86 2.28
CA TRP B 108 -21.94 10.31 2.77
C TRP B 108 -22.24 10.78 4.19
N LEU B 109 -21.22 10.90 5.02
CA LEU B 109 -21.40 11.36 6.40
C LEU B 109 -21.97 12.77 6.40
N LYS B 110 -21.61 13.56 5.39
CA LYS B 110 -22.03 14.94 5.36
C LYS B 110 -23.33 15.14 4.59
N GLN B 111 -23.52 14.40 3.50
CA GLN B 111 -24.62 14.70 2.59
C GLN B 111 -25.16 13.44 1.88
N GLY B 112 -25.08 12.31 2.56
CA GLY B 112 -25.56 11.06 2.00
C GLY B 112 -27.05 11.10 1.75
N PRO B 113 -27.49 10.65 0.56
CA PRO B 113 -28.90 10.69 0.13
C PRO B 113 -29.83 9.82 0.98
N THR B 114 -29.41 8.63 1.40
CA THR B 114 -30.24 7.81 2.30
C THR B 114 -29.52 7.47 3.62
N ASP B 115 -30.21 6.78 4.51
CA ASP B 115 -29.62 6.42 5.79
C ASP B 115 -28.78 5.13 5.74
N ARG B 116 -28.74 4.48 4.58
CA ARG B 116 -27.90 3.28 4.41
C ARG B 116 -26.58 3.65 3.73
N PHE B 117 -25.49 3.65 4.49
CA PHE B 117 -24.18 4.01 3.93
C PHE B 117 -23.76 3.08 2.78
N ASP B 118 -24.11 1.80 2.89
CA ASP B 118 -23.65 0.79 1.94
C ASP B 118 -24.50 0.78 0.66
N LYS B 119 -25.79 1.08 0.77
CA LYS B 119 -26.60 1.13 -0.45
C LYS B 119 -26.22 2.36 -1.26
N ASP B 120 -25.92 3.45 -0.57
CA ASP B 120 -25.54 4.69 -1.24
C ASP B 120 -24.15 4.56 -1.88
N CYS B 121 -23.20 3.97 -1.16
CA CYS B 121 -21.81 3.99 -1.60
C CYS B 121 -21.33 2.80 -2.42
N PHE B 122 -22.07 1.70 -2.37
CA PHE B 122 -21.65 0.45 -3.03
C PHE B 122 -22.73 -0.10 -3.97
N VAL B 123 -22.39 -0.36 -5.23
CA VAL B 123 -23.37 -0.92 -6.14
C VAL B 123 -23.72 -2.36 -5.79
N MET B 124 -22.76 -3.10 -5.22
CA MET B 124 -23.02 -4.50 -4.91
C MET B 124 -24.09 -4.69 -3.84
N ALA B 125 -24.26 -3.69 -2.96
CA ALA B 125 -25.31 -3.74 -1.94
C ALA B 125 -26.65 -4.02 -2.58
N SER B 126 -26.94 -3.28 -3.65
CA SER B 126 -28.23 -3.42 -4.35
C SER B 126 -28.31 -4.78 -5.03
N VAL B 127 -27.17 -5.21 -5.57
CA VAL B 127 -27.10 -6.49 -6.25
C VAL B 127 -27.43 -7.64 -5.31
N ILE B 128 -26.84 -7.59 -4.11
CA ILE B 128 -27.10 -8.59 -3.09
C ILE B 128 -28.54 -8.54 -2.57
N ASP B 129 -29.00 -7.34 -2.20
CA ASP B 129 -30.38 -7.15 -1.73
C ASP B 129 -31.40 -7.83 -2.67
N ALA B 130 -31.10 -7.80 -3.96
CA ALA B 130 -32.03 -8.35 -4.95
C ALA B 130 -31.74 -9.80 -5.29
N GLY B 131 -30.88 -10.44 -4.50
CA GLY B 131 -30.49 -11.83 -4.70
C GLY B 131 -29.80 -12.14 -6.02
N LEU B 132 -29.08 -11.18 -6.57
CA LEU B 132 -28.60 -11.26 -7.94
C LEU B 132 -27.17 -11.86 -8.12
N SER B 133 -26.90 -12.36 -9.32
CA SER B 133 -25.57 -12.87 -9.67
C SER B 133 -24.69 -11.73 -10.14
N PRO B 134 -23.37 -11.86 -9.91
CA PRO B 134 -22.44 -10.85 -10.44
C PRO B 134 -22.05 -11.12 -11.88
N ARG B 135 -22.56 -12.19 -12.48
CA ARG B 135 -22.27 -12.43 -13.87
C ARG B 135 -23.54 -12.53 -14.70
N HIS B 136 -23.59 -11.77 -15.79
CA HIS B 136 -24.57 -11.99 -16.83
C HIS B 136 -24.41 -13.44 -17.26
N GLN B 137 -25.48 -14.04 -17.81
CA GLN B 137 -25.46 -15.47 -17.97
C GLN B 137 -24.63 -15.85 -19.20
N ASP B 138 -24.41 -14.91 -20.15
CA ASP B 138 -23.43 -15.23 -21.18
C ASP B 138 -22.02 -15.35 -20.55
N GLY B 139 -21.95 -15.06 -19.25
CA GLY B 139 -20.74 -15.26 -18.46
C GLY B 139 -20.05 -13.96 -18.14
N THR B 140 -20.51 -12.89 -18.75
CA THR B 140 -19.87 -11.59 -18.64
C THR B 140 -19.95 -11.04 -17.23
N LEU B 141 -18.81 -10.59 -16.74
CA LEU B 141 -18.72 -10.01 -15.41
C LEU B 141 -19.49 -8.71 -15.34
N ILE B 142 -20.19 -8.51 -14.24
CA ILE B 142 -20.83 -7.24 -13.95
C ILE B 142 -19.78 -6.16 -14.14
N ASP B 143 -20.16 -5.08 -14.81
CA ASP B 143 -19.14 -4.19 -15.32
C ASP B 143 -18.94 -2.99 -14.44
N GLN B 144 -17.78 -2.99 -13.82
CA GLN B 144 -17.38 -2.05 -12.80
C GLN B 144 -15.84 -2.05 -12.87
N PRO B 145 -15.13 -1.31 -12.00
CA PRO B 145 -13.70 -1.10 -12.30
C PRO B 145 -12.83 -2.31 -12.72
N PHE B 146 -13.08 -3.52 -12.24
CA PHE B 146 -12.23 -4.63 -12.66
C PHE B 146 -12.62 -5.15 -14.05
N ASP B 147 -11.61 -5.30 -14.91
CA ASP B 147 -11.81 -5.79 -16.26
C ASP B 147 -11.02 -7.08 -16.44
N GLU B 148 -11.71 -8.22 -16.38
CA GLU B 148 -11.03 -9.52 -16.46
C GLU B 148 -10.47 -9.76 -17.87
N GLY B 149 -10.80 -8.87 -18.79
CA GLY B 149 -10.22 -8.90 -20.13
C GLY B 149 -8.87 -8.20 -20.15
N ALA B 150 -8.62 -7.37 -19.15
CA ALA B 150 -7.36 -6.63 -19.05
C ALA B 150 -6.20 -7.54 -18.69
N ASP B 151 -5.01 -7.17 -19.13
CA ASP B 151 -3.83 -8.03 -18.95
C ASP B 151 -2.99 -7.66 -17.75
N GLU B 152 -3.24 -8.33 -16.64
CA GLU B 152 -2.51 -8.05 -15.42
C GLU B 152 -1.28 -8.93 -15.38
N MET B 153 -0.55 -8.89 -14.26
CA MET B 153 0.78 -9.49 -14.19
C MET B 153 0.74 -11.02 -14.29
N GLN B 154 1.92 -11.60 -14.51
CA GLN B 154 2.04 -13.03 -14.79
C GLN B 154 2.22 -13.83 -13.50
N GLY B 155 1.31 -14.79 -13.24
CA GLY B 155 1.33 -15.56 -12.02
C GLY B 155 1.11 -14.68 -10.80
N LEU B 156 0.27 -13.66 -10.97
CA LEU B 156 0.03 -12.63 -9.96
C LEU B 156 -0.37 -13.21 -8.63
N THR B 157 0.15 -12.58 -7.59
CA THR B 157 0.13 -13.11 -6.25
C THR B 157 -0.56 -12.09 -5.35
N MET B 158 -1.42 -12.58 -4.45
CA MET B 158 -2.16 -11.74 -3.50
C MET B 158 -1.26 -10.86 -2.62
N SER B 159 -0.20 -11.47 -2.09
CA SER B 159 0.76 -10.79 -1.21
C SER B 159 1.48 -9.62 -1.92
N GLU B 160 1.61 -9.68 -3.24
CA GLU B 160 2.16 -8.52 -3.93
C GLU B 160 1.02 -7.58 -4.32
N HIS B 161 -0.01 -8.14 -4.95
CA HIS B 161 -1.13 -7.35 -5.48
C HIS B 161 -1.90 -6.54 -4.43
N GLN B 162 -2.22 -7.15 -3.29
CA GLN B 162 -2.78 -6.47 -2.12
C GLN B 162 -4.06 -5.64 -2.36
N GLY B 163 -4.90 -6.10 -3.28
CA GLY B 163 -6.13 -5.39 -3.60
C GLY B 163 -5.93 -4.08 -4.34
N LYS B 164 -4.82 -3.97 -5.09
CA LYS B 164 -4.52 -2.73 -5.80
C LYS B 164 -5.61 -2.46 -6.85
N THR B 165 -6.22 -3.52 -7.34
CA THR B 165 -7.41 -3.42 -8.20
C THR B 165 -8.43 -4.38 -7.61
N GLN B 166 -9.72 -4.04 -7.64
CA GLN B 166 -10.67 -4.86 -6.86
C GLN B 166 -11.52 -5.83 -7.67
N PHE B 167 -11.20 -7.11 -7.53
CA PHE B 167 -12.07 -8.17 -8.03
C PHE B 167 -13.35 -8.17 -7.18
N PRO B 168 -14.50 -8.21 -7.85
CA PRO B 168 -15.80 -7.99 -7.21
C PRO B 168 -16.33 -9.12 -6.31
N TYR B 169 -15.72 -10.32 -6.28
CA TYR B 169 -16.29 -11.37 -5.44
C TYR B 169 -15.40 -12.49 -4.97
N ALA B 170 -15.95 -13.26 -4.02
CA ALA B 170 -15.31 -14.44 -3.46
C ALA B 170 -16.27 -15.62 -3.54
N TYR B 171 -16.01 -16.66 -2.74
CA TYR B 171 -16.79 -17.89 -2.82
C TYR B 171 -17.17 -18.45 -1.46
N GLN B 172 -18.30 -19.14 -1.42
CA GLN B 172 -18.58 -20.10 -0.36
C GLN B 172 -18.49 -21.47 -0.97
N PHE B 173 -18.08 -22.47 -0.20
CA PHE B 173 -17.96 -23.83 -0.72
C PHE B 173 -17.81 -24.87 0.39
N GLU B 174 -17.93 -26.13 0.01
CA GLU B 174 -17.84 -27.23 0.96
C GLU B 174 -16.36 -27.58 1.14
N ALA B 175 -15.84 -27.35 2.34
CA ALA B 175 -14.41 -27.54 2.63
C ALA B 175 -13.89 -28.88 2.16
N ALA B 176 -14.53 -29.96 2.62
CA ALA B 176 -14.06 -31.31 2.34
C ALA B 176 -14.10 -31.62 0.85
N LEU B 177 -14.98 -30.95 0.12
CA LEU B 177 -15.05 -31.15 -1.32
C LEU B 177 -13.87 -30.47 -2.01
N LEU B 178 -13.50 -29.28 -1.55
CA LEU B 178 -12.33 -28.62 -2.09
C LEU B 178 -11.08 -29.44 -1.80
N ALA B 179 -10.95 -29.93 -0.57
CA ALA B 179 -9.79 -30.73 -0.17
C ALA B 179 -9.66 -31.94 -1.06
N LYS B 180 -10.78 -32.61 -1.33
CA LYS B 180 -10.75 -33.78 -2.22
C LYS B 180 -10.32 -33.40 -3.63
N TYR B 181 -10.82 -32.25 -4.10
CA TYR B 181 -10.50 -31.78 -5.43
C TYR B 181 -9.01 -31.47 -5.58
N LEU B 182 -8.43 -30.86 -4.55
CA LEU B 182 -7.01 -30.49 -4.60
C LEU B 182 -6.14 -31.71 -4.40
N THR B 183 -6.68 -32.72 -3.72
CA THR B 183 -6.00 -34.00 -3.61
C THR B 183 -5.70 -34.55 -5.02
N LYS B 184 -6.73 -34.56 -5.88
CA LYS B 184 -6.56 -35.07 -7.23
C LYS B 184 -5.59 -34.18 -8.02
N TYR B 185 -5.77 -32.87 -7.88
CA TYR B 185 -4.94 -31.92 -8.58
C TYR B 185 -3.48 -32.23 -8.29
N SER B 186 -3.20 -32.39 -7.00
CA SER B 186 -1.84 -32.64 -6.52
C SER B 186 -1.28 -34.00 -6.93
N VAL B 187 -2.09 -35.05 -6.87
CA VAL B 187 -1.57 -36.41 -7.03
C VAL B 187 -1.29 -36.60 -8.50
N GLU B 188 -2.16 -36.03 -9.32
CA GLU B 188 -1.93 -35.98 -10.76
C GLU B 188 -0.63 -35.25 -11.12
N ARG B 189 -0.14 -34.39 -10.23
CA ARG B 189 1.13 -33.72 -10.48
C ARG B 189 2.31 -34.26 -9.66
N GLY B 190 2.20 -35.49 -9.15
CA GLY B 190 3.34 -36.12 -8.51
C GLY B 190 3.41 -36.17 -6.99
N VAL B 191 2.46 -35.56 -6.30
CA VAL B 191 2.45 -35.63 -4.83
C VAL B 191 2.14 -37.06 -4.36
N LYS B 192 3.02 -37.65 -3.54
CA LYS B 192 2.73 -38.95 -2.93
C LYS B 192 1.69 -38.81 -1.82
N HIS B 193 0.60 -39.54 -1.94
CA HIS B 193 -0.53 -39.47 -1.00
C HIS B 193 -0.61 -40.69 -0.09
N ILE B 194 -0.33 -40.48 1.20
CA ILE B 194 -0.38 -41.55 2.17
C ILE B 194 -1.46 -41.30 3.21
N VAL B 195 -2.32 -42.30 3.45
CA VAL B 195 -3.32 -42.23 4.51
C VAL B 195 -2.85 -43.08 5.68
N ASP B 196 -2.34 -42.42 6.72
CA ASP B 196 -1.79 -43.11 7.87
C ASP B 196 -1.72 -42.13 9.03
N ASP B 197 -1.40 -42.61 10.23
CA ASP B 197 -1.24 -41.71 11.35
C ASP B 197 0.23 -41.53 11.65
N VAL B 198 0.59 -40.43 12.28
CA VAL B 198 1.96 -40.19 12.70
C VAL B 198 2.11 -40.56 14.18
N ARG B 199 3.07 -41.42 14.48
CA ARG B 199 3.23 -41.94 15.83
C ARG B 199 4.27 -41.18 16.61
N GLU B 200 5.19 -40.56 15.88
CA GLU B 200 6.38 -39.97 16.47
C GLU B 200 7.03 -38.94 15.55
N VAL B 201 7.50 -37.84 16.13
CA VAL B 201 8.31 -36.89 15.38
C VAL B 201 9.78 -37.05 15.75
N SER B 202 10.57 -37.61 14.85
CA SER B 202 11.98 -37.84 15.12
C SER B 202 12.77 -36.55 15.01
N LEU B 203 13.59 -36.28 16.02
CA LEU B 203 14.46 -35.09 16.06
C LEU B 203 15.96 -35.46 16.07
N ASP B 204 16.78 -34.61 15.48
CA ASP B 204 18.24 -34.82 15.52
C ASP B 204 18.86 -34.05 16.68
N ASP B 205 20.19 -33.96 16.70
CA ASP B 205 20.92 -33.36 17.81
C ASP B 205 20.61 -31.89 18.03
N ARG B 206 20.44 -31.14 16.94
CA ARG B 206 20.16 -29.72 17.04
C ARG B 206 18.66 -29.47 17.17
N GLY B 207 17.89 -30.54 17.35
CA GLY B 207 16.47 -30.40 17.60
C GLY B 207 15.66 -30.15 16.34
N TRP B 208 16.27 -30.41 15.20
CA TRP B 208 15.58 -30.32 13.91
C TRP B 208 14.89 -31.64 13.57
N ILE B 209 13.80 -31.57 12.81
CA ILE B 209 13.05 -32.76 12.43
C ILE B 209 13.79 -33.55 11.35
N THR B 210 13.95 -34.86 11.57
CA THR B 210 14.56 -35.70 10.54
C THR B 210 13.50 -36.49 9.78
N GLY B 211 12.44 -36.87 10.48
CA GLY B 211 11.35 -37.58 9.84
C GLY B 211 10.16 -37.80 10.73
N VAL B 212 9.06 -38.28 10.17
CA VAL B 212 7.97 -38.73 11.01
C VAL B 212 7.73 -40.20 10.77
N ARG B 213 7.42 -40.91 11.84
CA ARG B 213 7.13 -42.34 11.70
C ARG B 213 5.65 -42.59 11.57
N THR B 214 5.30 -43.36 10.55
CA THR B 214 3.90 -43.69 10.32
C THR B 214 3.61 -45.09 10.87
N GLY B 215 2.36 -45.53 10.77
CA GLY B 215 2.01 -46.82 11.30
C GLY B 215 2.39 -47.95 10.35
N GLU B 216 2.22 -47.71 9.05
CA GLU B 216 2.38 -48.78 8.08
C GLU B 216 3.22 -48.39 6.87
N HIS B 217 3.75 -47.17 6.85
CA HIS B 217 4.53 -46.71 5.71
C HIS B 217 5.92 -46.25 6.15
N GLY B 218 6.40 -46.77 7.27
CA GLY B 218 7.76 -46.47 7.70
C GLY B 218 7.95 -45.01 8.07
N ASP B 219 9.17 -44.52 7.85
CA ASP B 219 9.50 -43.12 8.16
C ASP B 219 9.32 -42.27 6.93
N LEU B 220 8.81 -41.07 7.09
CA LEU B 220 8.77 -40.15 5.97
C LEU B 220 9.81 -39.08 6.19
N THR B 221 10.87 -39.07 5.38
CA THR B 221 11.92 -38.08 5.57
C THR B 221 11.88 -37.01 4.51
N GLY B 222 12.65 -35.95 4.73
CA GLY B 222 12.77 -34.86 3.77
C GLY B 222 13.47 -33.69 4.41
N ASP B 223 13.56 -32.59 3.68
CA ASP B 223 14.17 -31.36 4.17
C ASP B 223 13.23 -30.47 4.96
N LEU B 224 12.04 -30.23 4.41
CA LEU B 224 11.09 -29.30 5.01
C LEU B 224 9.81 -30.01 5.44
N PHE B 225 9.31 -29.70 6.63
CA PHE B 225 8.07 -30.31 7.13
C PHE B 225 6.98 -29.28 7.34
N ILE B 226 5.83 -29.52 6.71
CA ILE B 226 4.70 -28.61 6.88
C ILE B 226 3.70 -29.17 7.88
N ASP B 227 3.45 -28.42 8.95
CA ASP B 227 2.49 -28.85 9.95
C ASP B 227 1.08 -28.39 9.59
N CYS B 228 0.26 -29.32 9.14
CA CYS B 228 -1.15 -29.03 8.90
C CYS B 228 -2.05 -29.86 9.80
N THR B 229 -1.62 -30.11 11.04
CA THR B 229 -2.41 -30.94 11.94
C THR B 229 -3.35 -30.11 12.83
N GLY B 230 -3.70 -28.92 12.39
CA GLY B 230 -4.72 -28.13 13.07
C GLY B 230 -4.38 -27.72 14.49
N PHE B 231 -5.39 -27.69 15.35
CA PHE B 231 -5.20 -27.33 16.74
C PHE B 231 -4.21 -28.25 17.48
N ARG B 232 -3.99 -29.46 16.95
CA ARG B 232 -3.01 -30.37 17.55
C ARG B 232 -1.60 -29.78 17.55
N GLY B 233 -1.24 -29.14 16.44
CA GLY B 233 0.10 -28.65 16.26
C GLY B 233 1.15 -29.71 16.57
N LEU B 234 0.88 -30.92 16.09
CA LEU B 234 1.66 -32.10 16.45
C LEU B 234 3.16 -31.89 16.26
N LEU B 235 3.53 -31.16 15.20
CA LEU B 235 4.92 -30.91 14.87
C LEU B 235 5.41 -29.62 15.49
N LEU B 236 4.73 -28.52 15.20
CA LEU B 236 5.25 -27.21 15.58
C LEU B 236 5.14 -26.99 17.08
N ASN B 237 3.96 -27.18 17.65
CA ASN B 237 3.76 -26.90 19.08
C ASN B 237 4.17 -28.05 20.00
N GLN B 238 3.92 -29.29 19.59
CA GLN B 238 4.22 -30.41 20.47
C GLN B 238 5.66 -30.84 20.33
N ALA B 239 6.03 -31.41 19.19
CA ALA B 239 7.42 -31.83 18.97
C ALA B 239 8.44 -30.69 19.12
N LEU B 240 8.21 -29.54 18.50
CA LEU B 240 9.18 -28.44 18.53
C LEU B 240 8.96 -27.45 19.67
N GLU B 241 7.90 -27.66 20.45
CA GLU B 241 7.64 -26.87 21.65
C GLU B 241 7.48 -25.37 21.42
N GLU B 242 6.91 -24.97 20.27
CA GLU B 242 6.74 -23.54 20.03
C GLU B 242 5.48 -23.06 20.77
N PRO B 243 5.64 -22.02 21.60
CA PRO B 243 4.51 -21.52 22.41
C PRO B 243 3.39 -20.88 21.58
N PHE B 244 2.21 -20.80 22.17
CA PHE B 244 1.03 -20.26 21.51
C PHE B 244 0.67 -18.93 22.14
N ILE B 245 0.38 -17.93 21.33
CA ILE B 245 -0.03 -16.64 21.87
C ILE B 245 -1.53 -16.51 21.76
N SER B 246 -2.20 -16.50 22.91
CA SER B 246 -3.65 -16.43 22.97
C SER B 246 -4.21 -15.06 22.66
N TYR B 247 -5.33 -15.04 21.95
CA TYR B 247 -6.03 -13.80 21.63
C TYR B 247 -7.26 -13.68 22.50
N GLN B 248 -7.46 -14.66 23.40
CA GLN B 248 -8.77 -14.81 24.02
C GLN B 248 -9.12 -13.70 25.02
N ASP B 249 -8.15 -12.92 25.46
CA ASP B 249 -8.40 -11.80 26.37
C ASP B 249 -9.08 -10.63 25.65
N THR B 250 -8.94 -10.55 24.32
CA THR B 250 -9.61 -9.53 23.53
C THR B 250 -10.76 -10.10 22.69
N LEU B 251 -10.70 -11.40 22.42
CA LEU B 251 -11.73 -12.06 21.63
C LEU B 251 -12.17 -13.32 22.35
N PRO B 252 -13.16 -13.19 23.22
CA PRO B 252 -13.59 -14.24 24.15
C PRO B 252 -14.29 -15.46 23.51
N ASN B 253 -14.87 -15.32 22.32
CA ASN B 253 -15.59 -16.45 21.71
C ASN B 253 -14.68 -17.66 21.58
N ASP B 254 -15.10 -18.80 22.13
CA ASP B 254 -14.19 -19.91 22.27
C ASP B 254 -14.88 -21.24 21.95
N SER B 255 -16.14 -21.15 21.53
CA SER B 255 -16.94 -22.35 21.25
C SER B 255 -17.83 -22.19 20.03
N ALA B 256 -18.21 -23.30 19.44
CA ALA B 256 -19.11 -23.25 18.30
C ALA B 256 -19.95 -24.53 18.21
N VAL B 257 -21.18 -24.39 17.74
CA VAL B 257 -22.03 -25.52 17.39
C VAL B 257 -22.53 -25.26 15.96
N ALA B 258 -22.55 -26.31 15.13
CA ALA B 258 -22.86 -26.15 13.71
C ALA B 258 -23.88 -27.18 13.26
N LEU B 259 -24.53 -26.87 12.15
CA LEU B 259 -25.72 -27.54 11.68
C LEU B 259 -25.76 -27.39 10.19
N GLN B 260 -26.40 -28.34 9.53
CA GLN B 260 -26.60 -28.23 8.09
C GLN B 260 -28.07 -28.49 7.80
N VAL B 261 -28.66 -27.70 6.90
CA VAL B 261 -30.00 -28.01 6.41
C VAL B 261 -30.09 -27.72 4.90
N PRO B 262 -31.10 -28.31 4.22
CA PRO B 262 -31.37 -27.98 2.81
C PRO B 262 -31.67 -26.49 2.60
N MET B 263 -32.57 -25.93 3.40
CA MET B 263 -32.85 -24.49 3.36
C MET B 263 -33.32 -23.96 4.71
N ASP B 264 -32.76 -22.84 5.14
CA ASP B 264 -33.14 -22.21 6.42
C ASP B 264 -34.41 -21.39 6.27
N MET B 265 -35.12 -21.18 7.38
CA MET B 265 -36.47 -20.59 7.38
C MET B 265 -36.56 -19.15 6.85
N GLU B 266 -35.57 -18.30 7.17
CA GLU B 266 -35.60 -16.90 6.74
C GLU B 266 -35.02 -16.74 5.34
N ARG B 267 -34.57 -17.85 4.76
CA ARG B 267 -34.07 -17.89 3.38
C ARG B 267 -32.77 -17.09 3.21
N ARG B 268 -31.95 -17.02 4.25
CA ARG B 268 -30.62 -16.43 4.12
C ARG B 268 -29.77 -17.30 3.18
N GLY B 269 -30.15 -18.57 3.08
CA GLY B 269 -29.46 -19.50 2.21
C GLY B 269 -29.60 -19.26 0.73
N ILE B 270 -30.34 -18.24 0.32
CA ILE B 270 -30.47 -17.94 -1.11
C ILE B 270 -29.78 -16.65 -1.55
N LEU B 271 -29.14 -15.94 -0.62
CA LEU B 271 -28.55 -14.67 -0.99
C LEU B 271 -27.08 -14.87 -1.39
N PRO B 272 -26.60 -14.11 -2.40
CA PRO B 272 -25.21 -14.30 -2.85
C PRO B 272 -24.22 -13.71 -1.85
N CYS B 273 -24.28 -14.20 -0.61
CA CYS B 273 -23.40 -13.70 0.43
C CYS B 273 -23.40 -14.61 1.64
N THR B 274 -22.53 -14.28 2.57
CA THR B 274 -22.41 -14.98 3.84
C THR B 274 -22.99 -14.09 4.91
N THR B 275 -23.80 -14.64 5.81
CA THR B 275 -24.46 -13.79 6.78
C THR B 275 -23.98 -14.03 8.20
N ALA B 276 -23.73 -12.94 8.91
CA ALA B 276 -23.35 -12.99 10.30
C ALA B 276 -24.40 -12.27 11.16
N THR B 277 -25.20 -13.05 11.88
CA THR B 277 -26.30 -12.49 12.67
C THR B 277 -25.96 -12.46 14.15
N ALA B 278 -25.80 -11.25 14.67
CA ALA B 278 -25.41 -11.09 16.07
C ALA B 278 -26.47 -11.73 16.98
N GLN B 279 -26.00 -12.41 18.02
CA GLN B 279 -26.87 -13.12 18.99
C GLN B 279 -26.55 -12.60 20.38
N ASP B 280 -27.22 -13.16 21.39
CA ASP B 280 -27.05 -12.72 22.78
C ASP B 280 -25.61 -12.87 23.28
N ALA B 281 -24.92 -13.91 22.80
CA ALA B 281 -23.60 -14.25 23.33
C ALA B 281 -22.58 -14.55 22.23
N GLY B 282 -22.84 -14.03 21.03
CA GLY B 282 -21.93 -14.19 19.93
C GLY B 282 -22.66 -13.90 18.64
N TRP B 283 -22.49 -14.76 17.64
CA TRP B 283 -23.20 -14.56 16.38
C TRP B 283 -23.43 -15.87 15.63
N ILE B 284 -24.36 -15.84 14.70
CA ILE B 284 -24.68 -17.03 13.91
C ILE B 284 -24.32 -16.84 12.44
N TRP B 285 -23.57 -17.80 11.89
CA TRP B 285 -23.19 -17.70 10.49
C TRP B 285 -24.23 -18.40 9.63
N THR B 286 -24.34 -17.93 8.39
CA THR B 286 -25.10 -18.66 7.39
C THR B 286 -24.25 -18.70 6.14
N ILE B 287 -23.92 -19.89 5.67
CA ILE B 287 -23.09 -20.04 4.48
C ILE B 287 -23.83 -20.87 3.43
N PRO B 288 -24.31 -20.20 2.37
CA PRO B 288 -25.12 -20.91 1.37
C PRO B 288 -24.29 -21.73 0.41
N LEU B 289 -24.65 -22.99 0.27
CA LEU B 289 -24.02 -23.91 -0.67
C LEU B 289 -25.04 -24.36 -1.72
N THR B 290 -24.56 -24.96 -2.81
CA THR B 290 -25.44 -25.51 -3.84
C THR B 290 -26.53 -26.40 -3.23
N GLY B 291 -26.15 -27.50 -2.61
CA GLY B 291 -27.16 -28.43 -2.12
C GLY B 291 -27.90 -28.06 -0.83
N ARG B 292 -27.33 -27.13 -0.08
CA ARG B 292 -27.58 -27.07 1.35
C ARG B 292 -27.10 -25.76 1.94
N VAL B 293 -27.41 -25.58 3.22
CA VAL B 293 -27.04 -24.37 3.93
C VAL B 293 -26.26 -24.71 5.19
N GLY B 294 -25.03 -24.25 5.27
CA GLY B 294 -24.22 -24.41 6.46
C GLY B 294 -24.51 -23.26 7.39
N THR B 295 -24.69 -23.57 8.67
CA THR B 295 -24.97 -22.57 9.68
C THR B 295 -24.26 -22.93 10.98
N GLY B 296 -24.03 -21.94 11.83
CA GLY B 296 -23.32 -22.18 13.08
C GLY B 296 -23.47 -21.05 14.08
N TYR B 297 -23.32 -21.36 15.37
CA TYR B 297 -23.37 -20.34 16.41
C TYR B 297 -21.99 -20.29 17.09
N VAL B 298 -21.31 -19.16 16.89
CA VAL B 298 -20.02 -18.88 17.51
C VAL B 298 -20.27 -18.06 18.77
N TYR B 299 -19.84 -18.57 19.92
CA TYR B 299 -20.25 -17.97 21.19
C TYR B 299 -19.17 -18.16 22.23
N ALA B 300 -19.33 -17.50 23.37
CA ALA B 300 -18.36 -17.57 24.46
C ALA B 300 -18.95 -18.30 25.66
N LYS B 301 -18.41 -19.48 25.98
CA LYS B 301 -19.03 -20.39 26.95
C LYS B 301 -19.22 -19.78 28.34
N ASP B 302 -18.43 -18.78 28.72
CA ASP B 302 -18.61 -18.14 30.03
C ASP B 302 -19.98 -17.48 30.13
N TYR B 303 -20.61 -17.25 28.98
CA TYR B 303 -21.87 -16.51 28.89
C TYR B 303 -23.04 -17.38 28.51
N LEU B 304 -22.79 -18.55 27.94
CA LEU B 304 -23.86 -19.34 27.38
C LEU B 304 -23.48 -20.81 27.34
N SER B 305 -24.42 -21.69 27.68
CA SER B 305 -24.10 -23.12 27.68
C SER B 305 -24.15 -23.70 26.26
N PRO B 306 -23.48 -24.83 26.03
CA PRO B 306 -23.59 -25.43 24.70
C PRO B 306 -25.02 -25.86 24.37
N GLU B 307 -25.72 -26.42 25.35
CA GLU B 307 -27.11 -26.83 25.16
C GLU B 307 -27.94 -25.63 24.71
N GLU B 308 -27.77 -24.50 25.38
CA GLU B 308 -28.54 -23.31 25.01
C GLU B 308 -28.09 -22.72 23.66
N ALA B 309 -26.80 -22.78 23.34
CA ALA B 309 -26.34 -22.34 22.02
C ALA B 309 -26.98 -23.20 20.95
N GLU B 310 -27.02 -24.51 21.20
CA GLU B 310 -27.60 -25.45 20.24
C GLU B 310 -29.08 -25.18 20.06
N ARG B 311 -29.76 -24.93 21.18
CA ARG B 311 -31.18 -24.63 21.17
C ARG B 311 -31.43 -23.35 20.37
N THR B 312 -30.66 -22.30 20.69
CA THR B 312 -30.79 -21.03 19.98
C THR B 312 -30.60 -21.22 18.48
N LEU B 313 -29.55 -21.95 18.10
CA LEU B 313 -29.27 -22.21 16.68
C LEU B 313 -30.43 -22.92 15.99
N ARG B 314 -30.94 -23.99 16.59
CA ARG B 314 -31.99 -24.76 15.93
C ARG B 314 -33.23 -23.89 15.71
N GLU B 315 -33.54 -23.02 16.67
CA GLU B 315 -34.67 -22.11 16.57
C GLU B 315 -34.51 -21.08 15.46
N PHE B 316 -33.30 -20.53 15.39
CA PHE B 316 -32.95 -19.48 14.43
C PHE B 316 -33.19 -19.98 13.02
N VAL B 317 -32.77 -21.21 12.78
CA VAL B 317 -32.88 -21.84 11.46
C VAL B 317 -34.30 -22.30 11.20
N GLY B 318 -35.00 -22.72 12.24
CA GLY B 318 -36.39 -23.13 12.11
C GLY B 318 -36.61 -24.63 12.08
N PRO B 319 -37.82 -25.05 11.67
CA PRO B 319 -38.27 -26.44 11.70
C PRO B 319 -37.39 -27.40 10.92
N ALA B 320 -36.73 -26.93 9.87
CA ALA B 320 -35.89 -27.84 9.11
C ALA B 320 -34.70 -28.34 9.93
N ALA B 321 -34.40 -27.65 11.03
CA ALA B 321 -33.24 -27.98 11.85
C ALA B 321 -33.59 -28.69 13.17
N ALA B 322 -34.85 -29.12 13.30
CA ALA B 322 -35.35 -29.81 14.48
C ALA B 322 -34.52 -31.04 14.89
N ASP B 323 -34.15 -31.87 13.91
CA ASP B 323 -33.58 -33.19 14.21
C ASP B 323 -32.25 -33.47 13.54
N VAL B 324 -31.74 -32.52 12.77
CA VAL B 324 -30.46 -32.73 12.12
C VAL B 324 -29.39 -32.83 13.19
N GLU B 325 -28.30 -33.50 12.84
CA GLU B 325 -27.16 -33.68 13.73
C GLU B 325 -26.51 -32.34 14.06
N ALA B 326 -26.20 -32.09 15.34
CA ALA B 326 -25.44 -30.90 15.72
C ALA B 326 -24.04 -31.30 16.16
N ASN B 327 -23.06 -30.50 15.78
CA ASN B 327 -21.67 -30.76 16.15
C ASN B 327 -21.06 -29.65 16.99
N HIS B 328 -20.56 -30.01 18.18
CA HIS B 328 -20.03 -29.00 19.09
C HIS B 328 -18.50 -28.99 19.03
N ILE B 329 -17.92 -27.81 19.08
CA ILE B 329 -16.47 -27.73 19.10
C ILE B 329 -15.98 -26.60 19.99
N ARG B 330 -14.77 -26.77 20.52
CA ARG B 330 -14.10 -25.68 21.22
C ARG B 330 -12.97 -25.16 20.32
N MET B 331 -12.66 -23.86 20.39
CA MET B 331 -11.67 -23.27 19.49
C MET B 331 -10.40 -22.79 20.20
N ARG B 332 -9.26 -22.89 19.51
CA ARG B 332 -8.01 -22.35 20.04
C ARG B 332 -7.74 -21.03 19.30
N ILE B 333 -7.96 -19.93 20.02
CA ILE B 333 -7.91 -18.59 19.45
C ILE B 333 -6.58 -17.91 19.71
N GLY B 334 -5.87 -17.58 18.63
CA GLY B 334 -4.58 -16.90 18.72
C GLY B 334 -3.62 -17.45 17.67
N ARG B 335 -2.33 -17.43 17.96
CA ARG B 335 -1.35 -17.94 16.99
C ARG B 335 -0.06 -18.43 17.63
N SER B 336 0.65 -19.31 16.93
CA SER B 336 2.01 -19.65 17.33
C SER B 336 2.84 -18.38 17.35
N ARG B 337 3.74 -18.29 18.32
CA ARG B 337 4.66 -17.18 18.43
C ARG B 337 5.39 -17.03 17.09
N ASN B 338 5.97 -18.15 16.65
CA ASN B 338 6.52 -18.24 15.31
C ASN B 338 5.93 -19.42 14.57
N SER B 339 5.54 -19.20 13.32
CA SER B 339 4.91 -20.25 12.54
C SER B 339 5.96 -21.10 11.81
N TRP B 340 7.17 -20.57 11.70
CA TRP B 340 8.29 -21.28 11.11
C TRP B 340 9.39 -21.45 12.16
N VAL B 341 9.64 -22.70 12.54
CA VAL B 341 10.69 -23.03 13.50
C VAL B 341 11.57 -24.11 12.91
N LYS B 342 12.88 -23.85 12.89
CA LYS B 342 13.85 -24.78 12.32
C LYS B 342 13.41 -25.26 10.93
N ASN B 343 13.14 -26.54 10.76
CA ASN B 343 12.71 -27.00 9.43
C ASN B 343 11.25 -27.36 9.42
N CYS B 344 10.46 -26.59 10.15
CA CYS B 344 9.04 -26.86 10.24
C CYS B 344 8.20 -25.60 10.03
N VAL B 345 7.28 -25.65 9.07
CA VAL B 345 6.38 -24.52 8.85
C VAL B 345 4.95 -24.94 9.17
N ALA B 346 4.28 -24.18 10.04
CA ALA B 346 2.89 -24.47 10.38
C ALA B 346 1.96 -23.70 9.47
N ILE B 347 1.00 -24.39 8.86
CA ILE B 347 0.06 -23.76 7.95
C ILE B 347 -1.37 -24.21 8.31
N GLY B 348 -2.29 -23.25 8.39
CA GLY B 348 -3.66 -23.55 8.76
C GLY B 348 -3.83 -23.40 10.26
N LEU B 349 -4.76 -24.17 10.82
CA LEU B 349 -5.13 -24.01 12.23
C LEU B 349 -3.94 -24.18 13.18
N SER B 350 -2.92 -24.93 12.75
CA SER B 350 -1.68 -25.06 13.53
C SER B 350 -0.97 -23.70 13.68
N SER B 351 -1.05 -22.87 12.66
CA SER B 351 -0.35 -21.59 12.65
C SER B 351 -1.07 -20.54 13.49
N GLY B 352 -2.40 -20.51 13.38
CA GLY B 352 -3.19 -19.60 14.18
C GLY B 352 -4.65 -19.71 13.79
N PHE B 353 -5.53 -19.12 14.58
CA PHE B 353 -6.95 -19.17 14.28
C PHE B 353 -7.70 -18.04 14.95
N VAL B 354 -8.61 -17.41 14.21
CA VAL B 354 -9.60 -16.51 14.79
C VAL B 354 -11.00 -16.94 14.37
N GLU B 355 -12.02 -16.49 15.09
CA GLU B 355 -13.39 -16.81 14.75
C GLU B 355 -13.65 -16.41 13.29
N PRO B 356 -14.45 -17.22 12.59
CA PRO B 356 -14.68 -17.03 11.15
C PRO B 356 -15.59 -15.85 10.83
N LEU B 357 -15.47 -14.76 11.59
CA LEU B 357 -16.39 -13.64 11.47
C LEU B 357 -16.27 -12.94 10.10
N GLU B 358 -15.07 -12.89 9.55
CA GLU B 358 -14.86 -12.34 8.20
C GLU B 358 -14.19 -13.37 7.29
N SER B 359 -14.32 -14.65 7.62
CA SER B 359 -13.92 -15.73 6.73
C SER B 359 -12.45 -15.63 6.38
N THR B 360 -11.60 -15.65 7.41
CA THR B 360 -10.18 -15.41 7.21
C THR B 360 -9.35 -16.69 7.19
N GLY B 361 -9.99 -17.82 7.44
CA GLY B 361 -9.29 -19.10 7.57
C GLY B 361 -8.54 -19.52 6.33
N ILE B 362 -9.24 -19.48 5.18
CA ILE B 362 -8.61 -19.88 3.92
C ILE B 362 -7.62 -18.81 3.45
N PHE B 363 -7.96 -17.55 3.70
CA PHE B 363 -7.06 -16.42 3.50
C PHE B 363 -5.73 -16.65 4.19
N PHE B 364 -5.74 -17.09 5.46
CA PHE B 364 -4.50 -17.28 6.24
C PHE B 364 -3.60 -18.30 5.55
N ILE B 365 -4.22 -19.42 5.21
CA ILE B 365 -3.56 -20.50 4.50
C ILE B 365 -3.01 -20.00 3.18
N HIS B 366 -3.83 -19.22 2.45
CA HIS B 366 -3.44 -18.73 1.13
C HIS B 366 -2.19 -17.87 1.25
N HIS B 367 -2.25 -16.91 2.17
CA HIS B 367 -1.12 -16.04 2.43
C HIS B 367 0.11 -16.84 2.85
N ALA B 368 -0.10 -17.88 3.66
CA ALA B 368 0.97 -18.72 4.18
C ALA B 368 1.76 -19.42 3.08
N ILE B 369 1.05 -20.04 2.15
CA ILE B 369 1.71 -20.84 1.10
C ILE B 369 2.39 -19.91 0.10
N GLU B 370 1.82 -18.73 -0.14
CA GLU B 370 2.47 -17.74 -1.00
C GLU B 370 3.80 -17.30 -0.40
N GLN B 371 3.75 -17.01 0.90
CA GLN B 371 4.93 -16.62 1.66
C GLN B 371 5.95 -17.74 1.74
N LEU B 372 5.46 -18.98 1.80
CA LEU B 372 6.37 -20.14 1.84
C LEU B 372 7.10 -20.20 0.52
N VAL B 373 6.38 -19.97 -0.58
CA VAL B 373 7.04 -20.01 -1.87
C VAL B 373 7.99 -18.83 -1.94
N LYS B 374 7.48 -17.65 -1.58
CA LYS B 374 8.28 -16.44 -1.54
C LYS B 374 9.63 -16.66 -0.86
N ASN B 375 9.58 -17.26 0.33
CA ASN B 375 10.72 -17.36 1.22
C ASN B 375 11.30 -18.75 1.30
N PHE B 376 11.04 -19.58 0.29
CA PHE B 376 11.56 -20.94 0.29
C PHE B 376 13.07 -20.96 0.51
N PRO B 377 13.55 -21.83 1.40
CA PRO B 377 14.95 -21.83 1.78
C PRO B 377 15.86 -22.54 0.78
N ALA B 378 17.15 -22.23 0.85
CA ALA B 378 18.16 -22.97 0.10
C ALA B 378 19.02 -23.72 1.12
N ALA B 379 19.91 -24.59 0.67
CA ALA B 379 20.51 -25.57 1.56
C ALA B 379 21.30 -24.96 2.73
N ASP B 380 21.70 -23.69 2.61
CA ASP B 380 22.40 -22.97 3.69
C ASP B 380 21.44 -22.54 4.82
N TRP B 381 20.14 -22.69 4.60
CA TRP B 381 19.11 -22.34 5.59
C TRP B 381 19.30 -20.98 6.27
N ASN B 382 19.54 -19.96 5.46
CA ASN B 382 19.71 -18.62 5.97
C ASN B 382 18.47 -18.24 6.79
N SER B 383 18.69 -17.90 8.06
CA SER B 383 17.57 -17.73 8.99
C SER B 383 16.69 -16.54 8.57
N MET B 384 17.23 -15.68 7.70
CA MET B 384 16.47 -14.51 7.26
C MET B 384 15.21 -14.89 6.50
N HIS B 385 15.23 -16.03 5.80
CA HIS B 385 14.01 -16.47 5.13
C HIS B 385 12.94 -16.73 6.18
N ARG B 386 13.37 -17.26 7.32
CA ARG B 386 12.46 -17.64 8.38
C ARG B 386 11.85 -16.38 8.98
N ASP B 387 12.72 -15.40 9.28
CA ASP B 387 12.29 -14.17 9.95
C ASP B 387 11.33 -13.38 9.07
N LEU B 388 11.60 -13.38 7.77
CA LEU B 388 10.76 -12.68 6.82
C LEU B 388 9.38 -13.35 6.79
N TYR B 389 9.41 -14.68 6.70
CA TYR B 389 8.18 -15.45 6.72
C TYR B 389 7.45 -15.16 8.03
N ASN B 390 8.14 -15.30 9.15
CA ASN B 390 7.46 -15.19 10.44
C ASN B 390 6.89 -13.80 10.65
N SER B 391 7.62 -12.78 10.19
CA SER B 391 7.15 -11.42 10.29
C SER B 391 5.87 -11.24 9.48
N ALA B 392 5.85 -11.77 8.26
CA ALA B 392 4.70 -11.55 7.37
C ALA B 392 3.39 -12.21 7.85
N VAL B 393 3.50 -13.46 8.29
CA VAL B 393 2.31 -14.17 8.74
C VAL B 393 1.89 -13.65 10.10
N SER B 394 2.84 -13.15 10.88
CA SER B 394 2.42 -12.67 12.18
C SER B 394 1.75 -11.30 12.00
N HIS B 395 2.13 -10.47 11.01
CA HIS B 395 1.37 -9.25 10.96
C HIS B 395 0.00 -9.45 10.33
N VAL B 396 -0.13 -10.43 9.41
CA VAL B 396 -1.45 -10.75 8.86
C VAL B 396 -2.42 -11.12 10.00
N MET B 397 -1.95 -11.91 10.95
CA MET B 397 -2.85 -12.43 11.96
C MET B 397 -3.12 -11.40 13.02
N ASP B 398 -2.08 -10.67 13.44
CA ASP B 398 -2.29 -9.59 14.40
C ASP B 398 -3.16 -8.50 13.79
N GLY B 399 -2.88 -8.18 12.53
CA GLY B 399 -3.68 -7.21 11.79
C GLY B 399 -5.15 -7.59 11.75
N VAL B 400 -5.43 -8.83 11.38
CA VAL B 400 -6.82 -9.28 11.30
C VAL B 400 -7.48 -9.31 12.70
N ARG B 401 -6.70 -9.64 13.74
CA ARG B 401 -7.27 -9.67 15.08
C ARG B 401 -7.79 -8.30 15.50
N GLU B 402 -6.96 -7.28 15.27
CA GLU B 402 -7.38 -5.90 15.53
C GLU B 402 -8.69 -5.57 14.79
N PHE B 403 -8.76 -5.93 13.51
CA PHE B 403 -9.96 -5.70 12.70
C PHE B 403 -11.17 -6.40 13.34
N LEU B 404 -10.97 -7.63 13.80
CA LEU B 404 -12.05 -8.38 14.44
C LEU B 404 -12.49 -7.76 15.75
N VAL B 405 -11.53 -7.29 16.55
CA VAL B 405 -11.90 -6.67 17.82
C VAL B 405 -12.82 -5.48 17.57
N LEU B 406 -12.57 -4.76 16.48
CA LEU B 406 -13.34 -3.57 16.14
C LEU B 406 -14.80 -3.92 15.90
N HIS B 407 -15.06 -5.12 15.40
CA HIS B 407 -16.43 -5.57 15.18
C HIS B 407 -17.26 -5.53 16.45
N TYR B 408 -16.61 -5.77 17.59
CA TYR B 408 -17.33 -5.78 18.84
C TYR B 408 -17.33 -4.39 19.49
N VAL B 409 -16.19 -3.73 19.40
CA VAL B 409 -16.02 -2.41 20.01
C VAL B 409 -16.88 -1.37 19.30
N ALA B 410 -17.17 -1.60 18.02
CA ALA B 410 -18.05 -0.68 17.30
C ALA B 410 -19.54 -1.08 17.35
N ALA B 411 -19.83 -2.30 17.80
CA ALA B 411 -21.22 -2.75 17.86
C ALA B 411 -22.03 -1.87 18.79
N LYS B 412 -23.05 -1.22 18.24
CA LYS B 412 -23.91 -0.36 19.05
C LYS B 412 -24.72 -1.16 20.08
N ARG B 413 -25.24 -2.33 19.69
CA ARG B 413 -26.14 -3.09 20.57
C ARG B 413 -25.49 -3.30 21.94
N ASN B 414 -26.29 -3.21 22.99
CA ASN B 414 -25.77 -3.14 24.36
C ASN B 414 -26.73 -3.89 25.30
N ASP B 415 -27.44 -4.87 24.75
CA ASP B 415 -28.65 -5.37 25.42
C ASP B 415 -28.48 -6.69 26.17
N THR B 416 -27.25 -7.18 26.29
CA THR B 416 -26.96 -8.30 27.19
C THR B 416 -25.64 -8.01 27.90
N GLN B 417 -25.33 -8.81 28.91
CA GLN B 417 -24.09 -8.67 29.65
C GLN B 417 -22.91 -8.87 28.69
N TYR B 418 -23.07 -9.82 27.78
CA TYR B 418 -22.03 -10.10 26.80
C TYR B 418 -21.68 -8.85 25.99
N TRP B 419 -22.70 -8.13 25.52
CA TRP B 419 -22.48 -6.99 24.63
C TRP B 419 -21.95 -5.80 25.42
N ARG B 420 -22.37 -5.67 26.67
CA ARG B 420 -21.85 -4.59 27.49
C ARG B 420 -20.38 -4.86 27.83
N ASP B 421 -20.03 -6.12 27.99
CA ASP B 421 -18.64 -6.48 28.26
C ASP B 421 -17.72 -6.22 27.06
N THR B 422 -18.24 -6.19 25.84
CA THR B 422 -17.39 -5.83 24.70
C THR B 422 -16.80 -4.42 24.85
N LYS B 423 -17.48 -3.57 25.62
CA LYS B 423 -17.08 -2.16 25.76
C LYS B 423 -16.16 -1.93 26.96
N THR B 424 -16.03 -2.92 27.84
CA THR B 424 -15.13 -2.78 28.98
C THR B 424 -13.90 -3.69 28.82
N ARG B 425 -13.99 -4.66 27.92
CA ARG B 425 -12.90 -5.60 27.68
C ARG B 425 -11.62 -4.93 27.16
N LYS B 426 -10.47 -5.49 27.54
CA LYS B 426 -9.17 -5.06 27.02
C LYS B 426 -9.13 -5.07 25.49
N ILE B 427 -8.63 -3.99 24.89
CA ILE B 427 -8.35 -3.93 23.46
C ILE B 427 -6.88 -3.56 23.26
N PRO B 428 -6.25 -4.03 22.17
CA PRO B 428 -4.86 -3.61 21.90
C PRO B 428 -4.69 -2.08 21.97
N ASP B 429 -3.66 -1.59 22.68
CA ASP B 429 -3.44 -0.16 22.89
C ASP B 429 -3.44 0.65 21.61
N SER B 430 -2.91 0.05 20.55
CA SER B 430 -2.84 0.69 19.25
C SER B 430 -4.22 0.86 18.63
N LEU B 431 -5.11 -0.11 18.84
CA LEU B 431 -6.49 0.01 18.35
C LEU B 431 -7.17 1.22 18.99
N ALA B 432 -7.00 1.39 20.31
CA ALA B 432 -7.58 2.54 20.99
C ALA B 432 -7.12 3.84 20.35
N GLU B 433 -5.81 3.95 20.13
CA GLU B 433 -5.24 5.15 19.51
C GLU B 433 -5.84 5.40 18.12
N ARG B 434 -6.00 4.33 17.35
CA ARG B 434 -6.56 4.45 16.01
C ARG B 434 -7.99 4.93 16.03
N ILE B 435 -8.77 4.49 17.00
CA ILE B 435 -10.19 4.82 17.06
C ILE B 435 -10.36 6.31 17.28
N GLU B 436 -9.49 6.91 18.09
CA GLU B 436 -9.57 8.37 18.29
C GLU B 436 -9.31 9.10 16.98
N LYS B 437 -8.37 8.58 16.20
CA LYS B 437 -8.12 9.11 14.88
C LYS B 437 -9.39 8.96 14.02
N TRP B 438 -10.00 7.78 14.07
CA TRP B 438 -11.15 7.51 13.20
C TRP B 438 -12.39 8.34 13.55
N LYS B 439 -12.50 8.77 14.81
CA LYS B 439 -13.61 9.63 15.22
C LYS B 439 -13.51 11.01 14.56
N VAL B 440 -12.34 11.35 14.03
CA VAL B 440 -12.17 12.62 13.35
C VAL B 440 -12.00 12.42 11.84
N GLN B 441 -11.33 11.35 11.46
CA GLN B 441 -11.04 11.10 10.05
C GLN B 441 -11.22 9.61 9.75
N LEU B 442 -12.17 9.29 8.87
CA LEU B 442 -12.43 7.90 8.52
C LEU B 442 -11.13 7.16 8.16
N PRO B 443 -11.07 5.85 8.47
CA PRO B 443 -9.93 5.00 8.16
C PRO B 443 -9.34 5.30 6.80
N ASP B 444 -8.04 5.47 6.83
CA ASP B 444 -7.28 5.93 5.70
C ASP B 444 -6.04 5.04 5.65
N SER B 445 -5.32 4.97 4.54
CA SER B 445 -4.17 4.06 4.43
C SER B 445 -3.10 4.26 5.49
N GLU B 446 -3.07 5.41 6.15
CA GLU B 446 -2.03 5.72 7.14
C GLU B 446 -2.49 5.58 8.59
N THR B 447 -3.77 5.28 8.78
CA THR B 447 -4.30 5.15 10.13
C THR B 447 -4.91 3.76 10.40
N VAL B 448 -4.53 2.78 9.59
CA VAL B 448 -4.84 1.38 9.91
C VAL B 448 -3.55 0.64 10.29
N TYR B 449 -3.69 -0.57 10.80
CA TYR B 449 -2.54 -1.44 11.06
C TYR B 449 -1.60 -1.38 9.84
N PRO B 450 -0.38 -0.92 10.07
CA PRO B 450 0.44 -0.47 8.93
C PRO B 450 1.11 -1.57 8.11
N TYR B 451 1.10 -2.83 8.55
CA TYR B 451 1.59 -3.89 7.68
C TYR B 451 0.45 -4.67 7.01
N TYR B 452 0.75 -5.38 5.94
CA TYR B 452 -0.28 -6.09 5.18
C TYR B 452 -1.01 -7.10 6.04
N HIS B 453 -2.33 -7.04 6.00
CA HIS B 453 -3.18 -7.97 6.73
C HIS B 453 -4.50 -8.22 5.96
N GLY B 454 -4.46 -8.00 4.65
CA GLY B 454 -5.58 -8.32 3.79
C GLY B 454 -6.77 -7.36 3.76
N LEU B 455 -6.82 -6.38 4.67
CA LEU B 455 -7.96 -5.46 4.74
C LEU B 455 -7.61 -4.03 4.39
N PRO B 456 -8.19 -3.51 3.30
CA PRO B 456 -7.97 -2.11 2.95
C PRO B 456 -8.70 -1.20 3.94
N PRO B 457 -8.37 0.10 3.96
CA PRO B 457 -9.02 1.05 4.86
C PRO B 457 -10.53 1.01 4.76
N TYR B 458 -11.07 0.73 3.58
CA TYR B 458 -12.52 0.84 3.40
C TYR B 458 -13.25 -0.28 4.14
N SER B 459 -12.56 -1.39 4.41
CA SER B 459 -13.17 -2.46 5.19
C SER B 459 -13.42 -1.93 6.59
N TYR B 460 -12.49 -1.13 7.08
CA TYR B 460 -12.66 -0.50 8.38
C TYR B 460 -13.81 0.50 8.37
N MET B 461 -13.95 1.24 7.27
CA MET B 461 -15.08 2.16 7.12
C MET B 461 -16.40 1.42 7.27
N CYS B 462 -16.54 0.30 6.56
CA CYS B 462 -17.77 -0.49 6.60
C CYS B 462 -18.14 -0.92 8.02
N ILE B 463 -17.16 -1.41 8.77
CA ILE B 463 -17.43 -1.85 10.13
C ILE B 463 -17.79 -0.66 11.06
N LEU B 464 -17.05 0.45 10.97
CA LEU B 464 -17.44 1.63 11.75
C LEU B 464 -18.86 2.14 11.42
N LEU B 465 -19.08 2.44 10.14
CA LEU B 465 -20.36 2.95 9.68
C LEU B 465 -21.48 1.96 9.92
N GLY B 466 -21.22 0.69 9.65
CA GLY B 466 -22.22 -0.34 9.81
C GLY B 466 -22.61 -0.55 11.26
N MET B 467 -21.63 -0.79 12.12
CA MET B 467 -21.93 -1.18 13.50
C MET B 467 -22.49 -0.01 14.33
N GLY B 468 -22.03 1.22 14.04
CA GLY B 468 -22.68 2.43 14.53
C GLY B 468 -22.54 2.79 16.00
N GLY B 469 -21.67 2.11 16.71
CA GLY B 469 -21.50 2.41 18.12
C GLY B 469 -20.49 3.52 18.36
N ILE B 470 -19.70 3.86 17.34
CA ILE B 470 -18.72 4.92 17.47
C ILE B 470 -19.10 6.14 16.64
N GLU B 471 -19.24 7.30 17.26
CA GLU B 471 -19.61 8.53 16.53
C GLU B 471 -18.55 8.91 15.49
N LEU B 472 -19.00 9.21 14.28
CA LEU B 472 -18.12 9.55 13.17
C LEU B 472 -18.49 10.93 12.66
N LYS B 473 -17.49 11.65 12.15
CA LYS B 473 -17.67 13.02 11.71
C LYS B 473 -17.00 13.21 10.37
N PRO B 474 -17.65 13.94 9.47
CA PRO B 474 -17.08 14.24 8.16
C PRO B 474 -15.91 15.20 8.27
N SER B 475 -14.98 15.21 7.31
CA SER B 475 -13.89 16.18 7.31
C SER B 475 -14.42 17.61 7.13
N PRO B 476 -13.92 18.55 7.93
CA PRO B 476 -14.30 19.96 7.84
C PRO B 476 -14.15 20.54 6.43
N ALA B 477 -13.20 20.00 5.67
CA ALA B 477 -12.93 20.53 4.34
C ALA B 477 -14.14 20.36 3.43
N LEU B 478 -14.98 19.39 3.74
CA LEU B 478 -16.13 19.13 2.89
C LEU B 478 -17.10 20.32 2.92
N ALA B 479 -17.16 21.02 4.05
CA ALA B 479 -18.01 22.20 4.16
C ALA B 479 -17.47 23.35 3.31
N LEU B 480 -16.24 23.21 2.85
CA LEU B 480 -15.60 24.23 2.02
C LEU B 480 -15.45 23.79 0.57
N ALA B 481 -15.74 22.52 0.29
CA ALA B 481 -15.57 22.03 -1.07
C ALA B 481 -16.88 22.15 -1.83
N ASP B 482 -16.87 21.68 -3.07
CA ASP B 482 -18.08 21.70 -3.87
C ASP B 482 -18.73 20.34 -3.73
N GLY B 483 -19.87 20.31 -3.06
CA GLY B 483 -20.62 19.08 -2.87
C GLY B 483 -21.17 18.56 -4.18
N GLY B 484 -20.93 19.31 -5.25
CA GLY B 484 -21.46 18.99 -6.56
C GLY B 484 -21.07 17.64 -7.09
N ALA B 485 -19.77 17.40 -7.26
CA ALA B 485 -19.31 16.16 -7.88
C ALA B 485 -19.57 14.97 -6.96
N ALA B 486 -19.67 15.23 -5.66
CA ALA B 486 -19.98 14.18 -4.69
C ALA B 486 -21.44 13.74 -4.84
N GLN B 487 -22.32 14.73 -4.90
CA GLN B 487 -23.74 14.50 -5.12
C GLN B 487 -23.95 13.74 -6.43
N ARG B 488 -23.08 14.01 -7.38
CA ARG B 488 -23.19 13.40 -8.70
C ARG B 488 -22.78 11.93 -8.70
N GLU B 489 -21.69 11.60 -8.00
CA GLU B 489 -21.26 10.22 -7.87
C GLU B 489 -22.34 9.34 -7.24
N PHE B 490 -23.12 9.90 -6.32
CA PHE B 490 -24.18 9.13 -5.68
C PHE B 490 -25.25 8.73 -6.69
N GLU B 491 -25.58 9.61 -7.63
CA GLU B 491 -26.68 9.39 -8.59
C GLU B 491 -26.38 8.32 -9.62
N GLN B 492 -25.17 8.40 -10.14
CA GLN B 492 -24.62 7.42 -11.07
C GLN B 492 -24.66 6.07 -10.33
N ILE B 493 -24.00 5.98 -9.17
CA ILE B 493 -24.04 4.75 -8.37
C ILE B 493 -25.48 4.22 -8.29
N ARG B 494 -26.41 5.07 -7.85
CA ARG B 494 -27.84 4.74 -7.81
C ARG B 494 -28.36 4.33 -9.18
N ASN B 495 -27.95 5.04 -10.22
CA ASN B 495 -28.42 4.74 -11.57
C ASN B 495 -27.96 3.37 -12.07
N LYS B 496 -26.71 3.02 -11.81
CA LYS B 496 -26.18 1.75 -12.29
C LYS B 496 -26.89 0.58 -11.61
N THR B 497 -27.31 0.78 -10.36
CA THR B 497 -28.00 -0.28 -9.64
C THR B 497 -29.38 -0.56 -10.24
N GLN B 498 -30.07 0.46 -10.72
CA GLN B 498 -31.41 0.21 -11.28
C GLN B 498 -31.30 -0.62 -12.56
N ARG B 499 -30.38 -0.25 -13.43
CA ARG B 499 -30.17 -0.99 -14.68
C ARG B 499 -29.81 -2.46 -14.43
N LEU B 500 -28.75 -2.69 -13.66
CA LEU B 500 -28.28 -4.06 -13.40
C LEU B 500 -29.36 -4.93 -12.74
N THR B 501 -30.24 -4.31 -11.98
CA THR B 501 -31.37 -5.02 -11.37
C THR B 501 -32.29 -5.62 -12.44
N GLU B 502 -32.48 -4.90 -13.54
CA GLU B 502 -33.41 -5.34 -14.58
C GLU B 502 -32.82 -6.48 -15.41
N VAL B 503 -31.48 -6.57 -15.51
CA VAL B 503 -30.84 -7.53 -16.41
C VAL B 503 -30.12 -8.71 -15.74
N LEU B 504 -29.50 -8.50 -14.59
CA LEU B 504 -28.70 -9.56 -13.97
C LEU B 504 -29.57 -10.70 -13.45
N PRO B 505 -29.24 -11.95 -13.79
CA PRO B 505 -29.98 -13.13 -13.33
C PRO B 505 -29.93 -13.25 -11.82
N LYS B 506 -30.90 -13.94 -11.24
CA LYS B 506 -30.84 -14.25 -9.80
C LYS B 506 -29.70 -15.23 -9.52
N ALA B 507 -29.24 -15.27 -8.28
CA ALA B 507 -28.08 -16.08 -7.95
C ALA B 507 -28.41 -17.57 -8.01
N TYR B 508 -29.51 -17.97 -7.35
CA TYR B 508 -29.99 -19.36 -7.43
C TYR B 508 -30.20 -19.74 -8.89
N ASP B 509 -31.09 -19.02 -9.55
CA ASP B 509 -31.31 -19.12 -10.99
C ASP B 509 -30.08 -18.64 -11.74
N TYR B 510 -28.95 -19.33 -11.57
CA TYR B 510 -27.72 -19.07 -12.32
C TYR B 510 -26.87 -20.33 -12.34
N PHE B 511 -26.94 -21.09 -11.25
CA PHE B 511 -26.19 -22.34 -11.14
C PHE B 511 -26.99 -23.50 -11.73
N THR B 512 -28.32 -23.42 -11.63
CA THR B 512 -29.20 -24.34 -12.33
C THR B 512 -28.95 -24.24 -13.84
N GLN B 513 -28.81 -22.99 -14.29
CA GLN B 513 -28.35 -22.70 -15.64
C GLN B 513 -26.87 -23.03 -15.82
#